data_4E0B
#
_entry.id   4E0B
#
_cell.length_a   79.040
_cell.length_b   80.760
_cell.length_c   99.430
_cell.angle_alpha   90.00
_cell.angle_beta   109.42
_cell.angle_gamma   90.00
#
_symmetry.space_group_name_H-M   'P 1 21 1'
#
loop_
_entity.id
_entity.type
_entity.pdbx_description
1 polymer 'Malate dehydrogenase'
2 non-polymer 'ACETATE ION'
3 water water
#
_entity_poly.entity_id   1
_entity_poly.type   'polypeptide(L)'
_entity_poly.pdbx_seq_one_letter_code
;SNA(MSE)KVAVIGAAGGIGQALALLLKNRLPAGSDLALYDIAPVTPGVAADLSHIPTHVSIKGYAGEDPTPALEGADVV
LISAGVARKPG(MSE)DRADLFNVNAGIVKSLAERIAVVCPNACIGIITNPVNTTVPIAAEVLKKAGVYDKRKLFGVTTL
DVIRSETFVAELKGQDPGEVRVPVIGGHSGVTILPLLSQVEGVEFSDEEIAALTKRIQNAGTEVVEAKAGGGSATLS
(MSE)GQAACRFGLALVKALQGEEVIEYAYVEGNGEHASFFAQPVKLGKEGVEEILPYGELSDFEKAALDG(MSE)LETL
NSDIQIGVDFVK
;
_entity_poly.pdbx_strand_id   A,B,C,D
#
# COMPACT_ATOMS: atom_id res chain seq x y z
N ASN A 2 -45.66 -22.78 -22.17
CA ASN A 2 -45.07 -24.10 -21.77
C ASN A 2 -43.92 -24.02 -20.76
N ALA A 3 -43.79 -25.13 -20.02
CA ALA A 3 -42.76 -25.27 -19.01
C ALA A 3 -41.39 -25.41 -19.65
N LYS A 5 -37.15 -26.30 -19.33
CA LYS A 5 -36.20 -27.16 -18.64
C LYS A 5 -34.84 -26.47 -18.62
N VAL A 6 -34.27 -26.32 -17.43
CA VAL A 6 -32.98 -25.69 -17.29
C VAL A 6 -31.98 -26.71 -16.79
N ALA A 7 -30.82 -26.79 -17.45
CA ALA A 7 -29.79 -27.71 -17.05
C ALA A 7 -28.60 -26.93 -16.52
N VAL A 8 -28.07 -27.37 -15.39
CA VAL A 8 -26.91 -26.74 -14.76
C VAL A 8 -25.79 -27.75 -14.84
N ILE A 9 -24.76 -27.44 -15.62
CA ILE A 9 -23.61 -28.32 -15.77
C ILE A 9 -22.55 -27.77 -14.83
N GLY A 10 -22.06 -28.64 -13.96
CA GLY A 10 -21.08 -28.27 -12.93
C GLY A 10 -21.82 -28.01 -11.64
N ALA A 11 -22.97 -28.66 -11.50
CA ALA A 11 -23.87 -28.51 -10.35
C ALA A 11 -23.36 -28.84 -8.94
N ALA A 12 -22.31 -29.66 -8.84
CA ALA A 12 -21.77 -30.06 -7.52
C ALA A 12 -20.82 -29.05 -6.89
N GLY A 13 -20.23 -28.17 -7.69
CA GLY A 13 -19.28 -27.18 -7.18
C GLY A 13 -19.96 -26.02 -6.44
N GLY A 14 -19.15 -25.10 -5.92
CA GLY A 14 -19.66 -23.94 -5.19
C GLY A 14 -20.65 -23.10 -5.97
N ILE A 15 -20.25 -22.68 -7.16
CA ILE A 15 -21.11 -21.87 -8.03
C ILE A 15 -22.37 -22.64 -8.33
N GLY A 16 -22.18 -23.89 -8.75
CA GLY A 16 -23.27 -24.77 -9.14
C GLY A 16 -24.35 -25.03 -8.11
N GLN A 17 -23.96 -25.29 -6.86
CA GLN A 17 -24.96 -25.54 -5.81
C GLN A 17 -25.73 -24.27 -5.44
N ALA A 18 -25.07 -23.13 -5.47
CA ALA A 18 -25.73 -21.86 -5.14
C ALA A 18 -26.75 -21.56 -6.23
N LEU A 19 -26.33 -21.76 -7.48
CA LEU A 19 -27.18 -21.54 -8.63
C LEU A 19 -28.40 -22.46 -8.57
N ALA A 20 -28.15 -23.75 -8.30
CA ALA A 20 -29.23 -24.73 -8.21
C ALA A 20 -30.21 -24.36 -7.10
N LEU A 21 -29.71 -23.95 -5.94
CA LEU A 21 -30.59 -23.54 -4.83
C LEU A 21 -31.47 -22.37 -5.24
N LEU A 22 -30.87 -21.35 -5.83
CA LEU A 22 -31.63 -20.17 -6.23
C LEU A 22 -32.63 -20.49 -7.36
N LEU A 23 -32.25 -21.35 -8.30
CA LEU A 23 -33.15 -21.75 -9.39
C LEU A 23 -34.35 -22.56 -8.87
N LYS A 24 -34.11 -23.45 -7.90
CA LYS A 24 -35.17 -24.25 -7.32
C LYS A 24 -36.21 -23.35 -6.66
N ASN A 25 -35.74 -22.27 -6.06
CA ASN A 25 -36.60 -21.28 -5.41
C ASN A 25 -37.24 -20.27 -6.32
N ARG A 26 -36.60 -19.93 -7.44
CA ARG A 26 -37.13 -18.86 -8.29
C ARG A 26 -37.68 -19.20 -9.67
N LEU A 27 -37.40 -20.38 -10.19
CA LEU A 27 -37.94 -20.75 -11.49
C LEU A 27 -39.46 -20.75 -11.42
N PRO A 28 -40.12 -20.37 -12.54
CA PRO A 28 -41.58 -20.36 -12.53
C PRO A 28 -42.15 -21.76 -12.28
N ALA A 29 -43.32 -21.82 -11.62
CA ALA A 29 -43.98 -23.09 -11.33
C ALA A 29 -44.11 -23.89 -12.61
N GLY A 30 -43.82 -25.18 -12.52
CA GLY A 30 -43.91 -26.06 -13.70
C GLY A 30 -42.55 -26.35 -14.32
N SER A 31 -41.55 -25.54 -13.99
CA SER A 31 -40.20 -25.72 -14.53
C SER A 31 -39.57 -27.05 -14.14
N ASP A 32 -38.58 -27.46 -14.93
CA ASP A 32 -37.85 -28.70 -14.70
C ASP A 32 -36.39 -28.29 -14.55
N LEU A 33 -35.70 -28.87 -13.56
CA LEU A 33 -34.30 -28.54 -13.32
C LEU A 33 -33.46 -29.83 -13.34
N ALA A 34 -32.46 -29.88 -14.21
CA ALA A 34 -31.57 -31.04 -14.31
C ALA A 34 -30.18 -30.61 -13.89
N LEU A 35 -29.58 -31.34 -12.94
CA LEU A 35 -28.24 -31.02 -12.45
C LEU A 35 -27.26 -32.08 -12.94
N TYR A 36 -26.08 -31.64 -13.38
CA TYR A 36 -25.05 -32.58 -13.83
C TYR A 36 -23.64 -32.14 -13.44
N ASP A 37 -22.81 -33.12 -13.11
CA ASP A 37 -21.43 -32.86 -12.72
C ASP A 37 -20.69 -34.20 -12.64
N ILE A 38 -19.39 -34.18 -12.82
CA ILE A 38 -18.61 -35.42 -12.73
C ILE A 38 -18.63 -35.95 -11.29
N ALA A 39 -18.73 -35.06 -10.31
CA ALA A 39 -18.75 -35.45 -8.90
C ALA A 39 -19.86 -36.46 -8.58
N PRO A 40 -19.50 -37.55 -7.89
CA PRO A 40 -20.46 -38.57 -7.51
C PRO A 40 -21.62 -38.10 -6.63
N VAL A 41 -21.48 -36.96 -5.97
CA VAL A 41 -22.53 -36.45 -5.09
C VAL A 41 -23.72 -35.81 -5.79
N THR A 42 -23.57 -35.46 -7.07
CA THR A 42 -24.61 -34.73 -7.81
C THR A 42 -26.06 -35.21 -7.65
N PRO A 43 -26.31 -36.53 -7.75
CA PRO A 43 -27.70 -36.94 -7.58
C PRO A 43 -28.26 -36.53 -6.21
N GLY A 44 -27.39 -36.56 -5.20
CA GLY A 44 -27.77 -36.18 -3.84
C GLY A 44 -27.97 -34.69 -3.68
N VAL A 45 -27.32 -33.88 -4.53
CA VAL A 45 -27.48 -32.44 -4.49
C VAL A 45 -28.91 -32.17 -4.98
N ALA A 46 -29.33 -32.92 -5.99
CA ALA A 46 -30.69 -32.80 -6.51
C ALA A 46 -31.68 -33.30 -5.47
N ALA A 47 -31.36 -34.42 -4.81
CA ALA A 47 -32.23 -34.98 -3.77
C ALA A 47 -32.38 -33.98 -2.62
N ASP A 48 -31.27 -33.39 -2.20
CA ASP A 48 -31.26 -32.38 -1.14
C ASP A 48 -32.23 -31.26 -1.51
N LEU A 49 -32.06 -30.70 -2.71
CA LEU A 49 -32.94 -29.62 -3.18
C LEU A 49 -34.40 -30.05 -3.41
N SER A 50 -34.63 -31.33 -3.73
CA SER A 50 -35.99 -31.81 -4.03
C SER A 50 -36.90 -31.74 -2.82
N HIS A 51 -36.30 -31.60 -1.65
CA HIS A 51 -37.01 -31.50 -0.37
C HIS A 51 -37.57 -30.11 -0.11
N ILE A 52 -37.23 -29.17 -0.98
CA ILE A 52 -37.72 -27.79 -0.86
C ILE A 52 -39.09 -27.71 -1.54
N PRO A 53 -40.10 -27.22 -0.81
CA PRO A 53 -41.47 -27.14 -1.32
C PRO A 53 -41.77 -26.06 -2.37
N THR A 54 -41.21 -26.21 -3.57
CA THR A 54 -41.46 -25.29 -4.67
C THR A 54 -41.87 -26.19 -5.82
N HIS A 55 -42.80 -25.73 -6.65
CA HIS A 55 -43.27 -26.55 -7.76
C HIS A 55 -42.29 -26.53 -8.94
N VAL A 56 -41.14 -27.14 -8.72
CA VAL A 56 -40.11 -27.22 -9.71
C VAL A 56 -39.51 -28.63 -9.60
N SER A 57 -39.64 -29.42 -10.65
CA SER A 57 -39.10 -30.78 -10.64
C SER A 57 -37.58 -30.71 -10.74
N ILE A 58 -36.89 -31.62 -10.06
CA ILE A 58 -35.44 -31.64 -10.08
C ILE A 58 -34.89 -33.07 -10.07
N LYS A 59 -33.84 -33.28 -10.86
CA LYS A 59 -33.15 -34.56 -10.98
C LYS A 59 -31.66 -34.25 -11.07
N GLY A 60 -30.84 -35.21 -10.66
CA GLY A 60 -29.39 -35.02 -10.67
C GLY A 60 -28.67 -36.22 -11.25
N TYR A 61 -27.61 -35.95 -12.01
CA TYR A 61 -26.84 -37.02 -12.63
C TYR A 61 -25.34 -36.80 -12.45
N ALA A 62 -24.64 -37.89 -12.16
CA ALA A 62 -23.20 -37.88 -11.98
C ALA A 62 -22.62 -38.75 -13.09
N GLY A 63 -21.40 -38.48 -13.51
CA GLY A 63 -20.78 -39.28 -14.55
C GLY A 63 -20.00 -38.43 -15.53
N GLU A 64 -19.57 -39.08 -16.60
CA GLU A 64 -18.75 -38.43 -17.61
C GLU A 64 -19.61 -37.89 -18.76
N ASP A 65 -20.85 -38.38 -18.84
CA ASP A 65 -21.79 -38.03 -19.90
C ASP A 65 -23.00 -37.22 -19.39
N PRO A 66 -23.09 -35.94 -19.77
CA PRO A 66 -24.19 -35.07 -19.35
C PRO A 66 -25.49 -35.18 -20.15
N THR A 67 -25.56 -36.12 -21.09
CA THR A 67 -26.75 -36.30 -21.95
C THR A 67 -28.11 -36.26 -21.27
N PRO A 68 -28.29 -36.97 -20.15
CA PRO A 68 -29.61 -36.95 -19.50
C PRO A 68 -30.08 -35.56 -19.05
N ALA A 69 -29.14 -34.71 -18.65
CA ALA A 69 -29.47 -33.36 -18.22
C ALA A 69 -29.72 -32.45 -19.42
N LEU A 70 -29.00 -32.69 -20.52
CA LEU A 70 -29.14 -31.89 -21.74
C LEU A 70 -30.39 -32.22 -22.55
N GLU A 71 -30.83 -33.48 -22.48
CA GLU A 71 -32.02 -33.93 -23.21
C GLU A 71 -33.25 -33.05 -22.94
N GLY A 72 -33.72 -32.35 -23.97
CA GLY A 72 -34.88 -31.48 -23.85
C GLY A 72 -34.62 -30.17 -23.13
N ALA A 73 -33.35 -29.85 -22.85
CA ALA A 73 -33.02 -28.61 -22.16
C ALA A 73 -33.30 -27.40 -23.04
N ASP A 74 -33.90 -26.38 -22.44
CA ASP A 74 -34.20 -25.12 -23.11
C ASP A 74 -33.09 -24.12 -22.81
N VAL A 75 -32.55 -24.24 -21.60
CA VAL A 75 -31.45 -23.39 -21.16
C VAL A 75 -30.40 -24.28 -20.52
N VAL A 76 -29.15 -24.09 -20.93
CA VAL A 76 -28.05 -24.86 -20.38
C VAL A 76 -27.03 -23.87 -19.81
N LEU A 77 -26.84 -23.92 -18.51
CA LEU A 77 -25.90 -23.03 -17.84
C LEU A 77 -24.66 -23.86 -17.48
N ILE A 78 -23.52 -23.48 -18.03
CA ILE A 78 -22.29 -24.22 -17.81
C ILE A 78 -21.36 -23.59 -16.78
N SER A 79 -21.19 -24.28 -15.66
N SER A 79 -21.20 -24.28 -15.66
CA SER A 79 -20.32 -23.82 -14.59
CA SER A 79 -20.32 -23.82 -14.59
C SER A 79 -19.34 -24.92 -14.19
C SER A 79 -19.35 -24.92 -14.20
N ALA A 80 -18.91 -25.71 -15.18
CA ALA A 80 -17.96 -26.78 -14.94
C ALA A 80 -16.56 -26.21 -14.89
N GLY A 81 -15.59 -27.02 -14.49
CA GLY A 81 -14.20 -26.59 -14.42
C GLY A 81 -13.82 -26.06 -13.06
N VAL A 82 -12.77 -25.25 -13.01
CA VAL A 82 -12.31 -24.67 -11.74
C VAL A 82 -11.79 -23.24 -11.87
N ALA A 83 -11.66 -22.55 -10.74
CA ALA A 83 -11.17 -21.17 -10.71
C ALA A 83 -9.72 -21.10 -10.25
N ARG A 90 -2.11 -22.68 -13.97
CA ARG A 90 -2.51 -21.56 -14.83
C ARG A 90 -2.79 -22.05 -16.27
N ALA A 91 -1.73 -22.42 -16.98
CA ALA A 91 -1.85 -22.93 -18.34
C ALA A 91 -2.51 -24.31 -18.28
N ASP A 92 -2.20 -25.07 -17.24
CA ASP A 92 -2.77 -26.40 -17.02
C ASP A 92 -4.24 -26.25 -16.72
N LEU A 93 -4.57 -25.22 -15.93
CA LEU A 93 -5.95 -24.93 -15.56
C LEU A 93 -6.77 -24.48 -16.77
N PHE A 94 -6.17 -23.67 -17.65
CA PHE A 94 -6.87 -23.24 -18.85
C PHE A 94 -7.14 -24.44 -19.75
N ASN A 95 -6.11 -25.27 -19.94
CA ASN A 95 -6.23 -26.48 -20.76
C ASN A 95 -7.33 -27.39 -20.25
N VAL A 96 -7.52 -27.40 -18.93
CA VAL A 96 -8.56 -28.20 -18.31
C VAL A 96 -9.94 -27.61 -18.60
N ASN A 97 -10.14 -26.33 -18.31
CA ASN A 97 -11.43 -25.69 -18.55
C ASN A 97 -11.79 -25.61 -20.03
N ALA A 98 -10.79 -25.37 -20.87
CA ALA A 98 -11.01 -25.31 -22.30
C ALA A 98 -11.50 -26.67 -22.79
N GLY A 99 -10.80 -27.72 -22.36
CA GLY A 99 -11.13 -29.10 -22.74
C GLY A 99 -12.54 -29.47 -22.31
N ILE A 100 -12.91 -29.06 -21.11
CA ILE A 100 -14.23 -29.32 -20.55
C ILE A 100 -15.31 -28.61 -21.37
N VAL A 101 -15.08 -27.34 -21.68
CA VAL A 101 -16.04 -26.57 -22.46
C VAL A 101 -16.15 -27.17 -23.87
N LYS A 102 -15.02 -27.52 -24.47
CA LYS A 102 -15.04 -28.11 -25.80
C LYS A 102 -15.89 -29.38 -25.77
N SER A 103 -15.60 -30.28 -24.83
N SER A 103 -15.60 -30.26 -24.81
CA SER A 103 -16.36 -31.53 -24.71
CA SER A 103 -16.33 -31.53 -24.67
C SER A 103 -17.85 -31.29 -24.53
C SER A 103 -17.82 -31.30 -24.51
N LEU A 104 -18.19 -30.36 -23.65
CA LEU A 104 -19.59 -30.03 -23.40
C LEU A 104 -20.26 -29.51 -24.67
N ALA A 105 -19.61 -28.61 -25.40
CA ALA A 105 -20.18 -28.07 -26.64
C ALA A 105 -20.49 -29.20 -27.63
N GLU A 106 -19.59 -30.17 -27.71
CA GLU A 106 -19.77 -31.33 -28.60
C GLU A 106 -21.01 -32.13 -28.23
N ARG A 107 -21.25 -32.34 -26.94
N ARG A 107 -21.23 -32.34 -26.93
CA ARG A 107 -22.41 -33.09 -26.50
CA ARG A 107 -22.40 -33.06 -26.44
C ARG A 107 -23.67 -32.27 -26.76
C ARG A 107 -23.66 -32.27 -26.76
N ILE A 108 -23.58 -30.96 -26.52
CA ILE A 108 -24.70 -30.05 -26.76
C ILE A 108 -25.11 -30.04 -28.24
N ALA A 109 -24.13 -30.10 -29.14
CA ALA A 109 -24.40 -30.11 -30.59
C ALA A 109 -25.26 -31.29 -30.98
N VAL A 110 -25.06 -32.42 -30.31
CA VAL A 110 -25.81 -33.64 -30.59
C VAL A 110 -27.16 -33.74 -29.88
N VAL A 111 -27.17 -33.40 -28.60
CA VAL A 111 -28.38 -33.55 -27.79
C VAL A 111 -29.38 -32.40 -27.78
N CYS A 112 -28.92 -31.17 -27.60
CA CYS A 112 -29.84 -30.01 -27.55
C CYS A 112 -29.29 -28.79 -28.29
N PRO A 113 -29.13 -28.91 -29.62
CA PRO A 113 -28.60 -27.80 -30.43
C PRO A 113 -29.44 -26.51 -30.43
N ASN A 114 -30.71 -26.59 -30.02
CA ASN A 114 -31.59 -25.43 -30.01
C ASN A 114 -31.67 -24.71 -28.66
N ALA A 115 -30.94 -25.20 -27.68
CA ALA A 115 -30.95 -24.60 -26.35
C ALA A 115 -30.16 -23.29 -26.31
N CYS A 116 -30.53 -22.42 -25.39
CA CYS A 116 -29.80 -21.20 -25.14
C CYS A 116 -28.70 -21.65 -24.20
N ILE A 117 -27.46 -21.29 -24.51
CA ILE A 117 -26.31 -21.70 -23.72
C ILE A 117 -25.65 -20.52 -23.04
N GLY A 118 -25.58 -20.57 -21.70
CA GLY A 118 -24.96 -19.53 -20.90
C GLY A 118 -23.69 -20.07 -20.27
N ILE A 119 -22.54 -19.56 -20.70
CA ILE A 119 -21.27 -20.03 -20.18
C ILE A 119 -20.74 -19.14 -19.05
N ILE A 120 -20.49 -19.77 -17.92
CA ILE A 120 -19.98 -19.14 -16.72
C ILE A 120 -18.51 -19.51 -16.54
N THR A 121 -18.18 -20.74 -16.95
CA THR A 121 -16.84 -21.27 -16.87
C THR A 121 -15.79 -20.31 -17.42
N ASN A 122 -14.90 -19.86 -16.54
CA ASN A 122 -13.84 -18.93 -16.94
C ASN A 122 -12.66 -19.60 -17.62
N PRO A 123 -11.94 -18.85 -18.48
CA PRO A 123 -12.18 -17.46 -18.84
C PRO A 123 -13.23 -17.30 -19.95
N VAL A 124 -14.36 -16.70 -19.58
CA VAL A 124 -15.48 -16.48 -20.49
C VAL A 124 -15.08 -15.84 -21.83
N ASN A 125 -14.16 -14.90 -21.82
CA ASN A 125 -13.74 -14.26 -23.06
C ASN A 125 -13.28 -15.28 -24.10
N THR A 126 -12.70 -16.37 -23.60
CA THR A 126 -12.15 -17.42 -24.43
C THR A 126 -13.02 -18.67 -24.57
N THR A 127 -13.69 -19.06 -23.49
CA THR A 127 -14.55 -20.25 -23.51
C THR A 127 -15.78 -20.10 -24.42
N VAL A 128 -16.29 -18.89 -24.58
CA VAL A 128 -17.44 -18.70 -25.46
C VAL A 128 -17.05 -18.98 -26.91
N PRO A 129 -15.93 -18.38 -27.39
CA PRO A 129 -15.52 -18.71 -28.74
C PRO A 129 -15.22 -20.20 -28.94
N ILE A 130 -14.75 -20.87 -27.90
CA ILE A 130 -14.47 -22.33 -28.00
C ILE A 130 -15.76 -23.04 -28.34
N ALA A 131 -16.81 -22.73 -27.58
CA ALA A 131 -18.12 -23.32 -27.79
C ALA A 131 -18.61 -23.02 -29.18
N ALA A 132 -18.52 -21.76 -29.60
CA ALA A 132 -18.97 -21.36 -30.93
C ALA A 132 -18.25 -22.13 -32.03
N GLU A 133 -16.94 -22.26 -31.92
CA GLU A 133 -16.17 -22.97 -32.94
C GLU A 133 -16.51 -24.46 -32.99
N VAL A 134 -16.83 -25.03 -31.84
CA VAL A 134 -17.23 -26.44 -31.78
C VAL A 134 -18.59 -26.61 -32.45
N LEU A 135 -19.51 -25.70 -32.16
CA LEU A 135 -20.85 -25.74 -32.71
C LEU A 135 -20.82 -25.59 -34.23
N LYS A 136 -19.97 -24.71 -34.74
CA LYS A 136 -19.84 -24.51 -36.20
C LYS A 136 -19.37 -25.78 -36.90
N LYS A 137 -18.38 -26.44 -36.30
CA LYS A 137 -17.85 -27.67 -36.87
C LYS A 137 -18.91 -28.78 -36.88
N ALA A 138 -19.88 -28.70 -35.98
CA ALA A 138 -20.96 -29.68 -35.91
C ALA A 138 -22.12 -29.24 -36.81
N GLY A 139 -21.99 -28.04 -37.38
CA GLY A 139 -22.98 -27.48 -38.29
C GLY A 139 -24.27 -27.05 -37.63
N VAL A 140 -24.22 -26.69 -36.36
CA VAL A 140 -25.44 -26.29 -35.66
C VAL A 140 -25.33 -24.98 -34.90
N TYR A 141 -24.31 -24.18 -35.20
CA TYR A 141 -24.13 -22.93 -34.51
C TYR A 141 -25.23 -21.91 -34.78
N ASP A 142 -25.78 -21.37 -33.70
CA ASP A 142 -26.81 -20.33 -33.78
C ASP A 142 -26.31 -19.25 -32.83
N LYS A 143 -25.75 -18.19 -33.39
CA LYS A 143 -25.17 -17.10 -32.60
C LYS A 143 -26.14 -16.37 -31.68
N ARG A 144 -27.43 -16.58 -31.88
CA ARG A 144 -28.44 -15.94 -31.05
C ARG A 144 -28.59 -16.67 -29.72
N LYS A 145 -28.09 -17.92 -29.66
CA LYS A 145 -28.25 -18.77 -28.49
C LYS A 145 -27.01 -19.05 -27.63
N LEU A 146 -25.92 -18.34 -27.89
CA LEU A 146 -24.70 -18.54 -27.11
C LEU A 146 -24.36 -17.27 -26.37
N PHE A 147 -24.19 -17.37 -25.06
CA PHE A 147 -23.89 -16.21 -24.22
C PHE A 147 -22.78 -16.45 -23.22
N GLY A 148 -21.98 -15.41 -23.00
CA GLY A 148 -20.96 -15.43 -21.96
C GLY A 148 -21.64 -14.66 -20.85
N VAL A 149 -21.83 -15.30 -19.70
CA VAL A 149 -22.50 -14.68 -18.57
C VAL A 149 -21.61 -13.67 -17.85
N THR A 150 -21.88 -12.38 -18.06
CA THR A 150 -21.11 -11.32 -17.46
C THR A 150 -21.89 -10.59 -16.37
N THR A 151 -23.04 -11.16 -16.02
CA THR A 151 -23.93 -10.60 -15.02
C THR A 151 -23.29 -10.28 -13.67
N LEU A 152 -22.30 -11.06 -13.25
CA LEU A 152 -21.64 -10.77 -11.97
C LEU A 152 -20.99 -9.38 -12.01
N ASP A 153 -20.46 -8.99 -13.15
CA ASP A 153 -19.83 -7.66 -13.29
C ASP A 153 -20.88 -6.56 -13.10
N VAL A 154 -22.08 -6.83 -13.58
CA VAL A 154 -23.19 -5.89 -13.48
C VAL A 154 -23.70 -5.73 -12.05
N ILE A 155 -23.98 -6.84 -11.37
CA ILE A 155 -24.50 -6.74 -10.00
C ILE A 155 -23.44 -6.19 -9.03
N ARG A 156 -22.16 -6.43 -9.30
CA ARG A 156 -21.09 -5.88 -8.47
C ARG A 156 -21.11 -4.37 -8.63
N SER A 157 -21.18 -3.91 -9.87
CA SER A 157 -21.20 -2.49 -10.17
C SER A 157 -22.40 -1.83 -9.51
N GLU A 158 -23.56 -2.47 -9.59
CA GLU A 158 -24.77 -1.96 -8.97
C GLU A 158 -24.54 -1.80 -7.47
N THR A 159 -24.00 -2.85 -6.85
CA THR A 159 -23.73 -2.82 -5.41
C THR A 159 -22.77 -1.71 -5.01
N PHE A 160 -21.63 -1.62 -5.69
CA PHE A 160 -20.63 -0.60 -5.33
C PHE A 160 -21.12 0.83 -5.56
N VAL A 161 -21.81 1.09 -6.66
CA VAL A 161 -22.31 2.43 -6.92
C VAL A 161 -23.33 2.82 -5.85
N ALA A 162 -24.22 1.88 -5.52
CA ALA A 162 -25.27 2.11 -4.52
C ALA A 162 -24.73 2.45 -3.14
N GLU A 163 -23.73 1.69 -2.70
N GLU A 163 -23.73 1.71 -2.67
CA GLU A 163 -23.07 1.91 -1.42
CA GLU A 163 -23.15 1.96 -1.37
C GLU A 163 -22.39 3.27 -1.38
C GLU A 163 -22.35 3.26 -1.35
N LEU A 164 -21.72 3.60 -2.47
CA LEU A 164 -20.97 4.84 -2.57
C LEU A 164 -21.86 6.08 -2.56
N LYS A 165 -22.98 6.05 -3.27
CA LYS A 165 -23.87 7.21 -3.37
C LYS A 165 -25.17 7.09 -2.58
N GLY A 166 -25.19 6.18 -1.60
CA GLY A 166 -26.36 5.97 -0.78
C GLY A 166 -27.66 5.77 -1.54
N GLN A 167 -27.62 4.95 -2.59
CA GLN A 167 -28.80 4.67 -3.39
C GLN A 167 -29.38 3.31 -2.98
N ASP A 168 -30.58 3.02 -3.46
CA ASP A 168 -31.23 1.73 -3.19
C ASP A 168 -30.55 0.73 -4.11
N PRO A 169 -29.83 -0.25 -3.55
CA PRO A 169 -29.11 -1.23 -4.38
C PRO A 169 -29.99 -1.97 -5.37
N GLY A 170 -31.24 -2.24 -4.99
CA GLY A 170 -32.16 -2.95 -5.87
C GLY A 170 -32.70 -2.14 -7.04
N GLU A 171 -32.41 -0.84 -7.05
CA GLU A 171 -32.89 0.05 -8.09
C GLU A 171 -31.81 0.61 -9.01
N VAL A 172 -30.60 0.73 -8.50
CA VAL A 172 -29.49 1.29 -9.27
C VAL A 172 -29.18 0.46 -10.51
N ARG A 173 -29.02 1.12 -11.65
CA ARG A 173 -28.69 0.43 -12.91
C ARG A 173 -27.31 0.86 -13.41
N VAL A 174 -26.44 -0.11 -13.64
CA VAL A 174 -25.10 0.18 -14.12
C VAL A 174 -24.74 -0.72 -15.30
N PRO A 175 -24.73 -0.16 -16.52
CA PRO A 175 -24.37 -0.98 -17.67
C PRO A 175 -22.91 -1.38 -17.62
N VAL A 176 -22.57 -2.53 -18.16
CA VAL A 176 -21.19 -2.99 -18.20
C VAL A 176 -20.98 -3.63 -19.56
N ILE A 177 -19.94 -3.20 -20.27
CA ILE A 177 -19.67 -3.73 -21.61
C ILE A 177 -18.25 -4.27 -21.73
N GLY A 178 -17.95 -4.89 -22.87
CA GLY A 178 -16.62 -5.39 -23.16
C GLY A 178 -16.39 -6.87 -22.98
N GLY A 179 -15.55 -7.20 -22.01
CA GLY A 179 -15.19 -8.56 -21.68
C GLY A 179 -15.50 -8.87 -20.23
N HIS A 180 -15.08 -10.05 -19.78
CA HIS A 180 -15.37 -10.50 -18.43
C HIS A 180 -14.17 -10.63 -17.49
N SER A 181 -13.01 -10.14 -17.91
CA SER A 181 -11.79 -10.22 -17.07
C SER A 181 -10.89 -9.00 -17.18
N GLY A 182 -10.34 -8.59 -16.04
CA GLY A 182 -9.42 -7.47 -15.96
C GLY A 182 -9.80 -6.23 -16.73
N VAL A 183 -8.86 -5.73 -17.53
CA VAL A 183 -9.08 -4.52 -18.30
C VAL A 183 -10.20 -4.61 -19.33
N THR A 184 -10.74 -5.80 -19.59
CA THR A 184 -11.84 -5.90 -20.57
C THR A 184 -13.21 -5.58 -19.92
N ILE A 185 -13.26 -5.49 -18.60
CA ILE A 185 -14.52 -5.18 -17.93
C ILE A 185 -14.67 -3.66 -17.89
N LEU A 186 -15.70 -3.16 -18.57
CA LEU A 186 -15.92 -1.72 -18.65
C LEU A 186 -17.29 -1.27 -18.13
N PRO A 187 -17.33 -0.84 -16.85
CA PRO A 187 -18.56 -0.33 -16.28
C PRO A 187 -18.83 1.05 -16.83
N LEU A 188 -20.04 1.27 -17.36
CA LEU A 188 -20.38 2.57 -17.92
C LEU A 188 -20.97 3.47 -16.83
N LEU A 189 -20.10 3.94 -15.95
CA LEU A 189 -20.48 4.79 -14.83
C LEU A 189 -21.07 6.13 -15.30
N SER A 190 -20.73 6.54 -16.52
CA SER A 190 -21.25 7.79 -17.06
C SER A 190 -22.75 7.70 -17.36
N GLN A 191 -23.27 6.48 -17.48
CA GLN A 191 -24.69 6.31 -17.78
C GLN A 191 -25.55 6.03 -16.56
N VAL A 192 -24.98 6.13 -15.36
CA VAL A 192 -25.75 5.89 -14.15
C VAL A 192 -26.61 7.11 -13.86
N GLU A 193 -27.91 6.89 -13.89
CA GLU A 193 -28.89 7.94 -13.69
C GLU A 193 -29.00 8.35 -12.22
N GLY A 194 -29.13 9.66 -11.99
CA GLY A 194 -29.29 10.21 -10.65
C GLY A 194 -28.05 10.33 -9.77
N VAL A 195 -26.86 10.27 -10.37
CA VAL A 195 -25.63 10.37 -9.62
C VAL A 195 -24.56 11.10 -10.44
N GLU A 196 -23.58 11.69 -9.76
N GLU A 196 -23.58 11.67 -9.74
CA GLU A 196 -22.47 12.39 -10.40
CA GLU A 196 -22.47 12.37 -10.36
C GLU A 196 -21.18 11.90 -9.76
C GLU A 196 -21.19 11.84 -9.74
N PHE A 197 -20.29 11.33 -10.56
CA PHE A 197 -19.03 10.80 -10.05
C PHE A 197 -17.85 11.75 -10.29
N SER A 198 -16.93 11.80 -9.34
CA SER A 198 -15.73 12.60 -9.49
C SER A 198 -14.74 11.73 -10.24
N ASP A 199 -13.71 12.34 -10.80
CA ASP A 199 -12.68 11.58 -11.53
C ASP A 199 -12.04 10.50 -10.64
N GLU A 200 -11.87 10.80 -9.36
CA GLU A 200 -11.28 9.86 -8.43
C GLU A 200 -12.19 8.65 -8.23
N GLU A 201 -13.48 8.92 -8.10
CA GLU A 201 -14.47 7.86 -7.92
C GLU A 201 -14.56 6.98 -9.16
N ILE A 202 -14.52 7.60 -10.35
CA ILE A 202 -14.57 6.85 -11.60
C ILE A 202 -13.41 5.86 -11.64
N ALA A 203 -12.22 6.33 -11.31
CA ALA A 203 -11.02 5.49 -11.30
C ALA A 203 -11.08 4.40 -10.23
N ALA A 204 -11.53 4.75 -9.03
CA ALA A 204 -11.63 3.79 -7.93
C ALA A 204 -12.64 2.69 -8.23
N LEU A 205 -13.85 3.08 -8.65
CA LEU A 205 -14.89 2.12 -8.98
C LEU A 205 -14.47 1.19 -10.11
N THR A 206 -13.94 1.75 -11.19
CA THR A 206 -13.53 0.94 -12.33
C THR A 206 -12.49 -0.10 -11.89
N LYS A 207 -11.47 0.35 -11.16
CA LYS A 207 -10.45 -0.56 -10.68
C LYS A 207 -11.04 -1.63 -9.74
N ARG A 208 -11.96 -1.24 -8.87
CA ARG A 208 -12.55 -2.22 -7.96
C ARG A 208 -13.43 -3.22 -8.71
N ILE A 209 -14.14 -2.75 -9.73
CA ILE A 209 -15.01 -3.63 -10.53
C ILE A 209 -14.17 -4.60 -11.35
N GLN A 210 -13.06 -4.12 -11.90
CA GLN A 210 -12.20 -4.97 -12.70
C GLN A 210 -11.41 -6.00 -11.88
N ASN A 211 -11.21 -5.73 -10.60
CA ASN A 211 -10.42 -6.60 -9.73
C ASN A 211 -11.21 -7.23 -8.58
N ALA A 212 -12.54 -7.22 -8.71
CA ALA A 212 -13.43 -7.74 -7.68
C ALA A 212 -13.26 -9.24 -7.43
N GLY A 213 -12.87 -9.98 -8.45
CA GLY A 213 -12.66 -11.42 -8.30
C GLY A 213 -11.48 -11.67 -7.37
N THR A 214 -10.43 -10.88 -7.54
CA THR A 214 -9.22 -10.97 -6.72
C THR A 214 -9.50 -10.56 -5.29
N GLU A 215 -10.38 -9.58 -5.13
CA GLU A 215 -10.77 -9.13 -3.81
C GLU A 215 -11.39 -10.30 -3.00
N VAL A 216 -12.27 -11.08 -3.62
CA VAL A 216 -12.89 -12.22 -2.92
C VAL A 216 -11.85 -13.33 -2.68
N VAL A 217 -11.04 -13.65 -3.68
CA VAL A 217 -10.00 -14.67 -3.52
C VAL A 217 -9.08 -14.35 -2.35
N GLU A 218 -8.69 -13.09 -2.22
CA GLU A 218 -7.81 -12.67 -1.13
C GLU A 218 -8.53 -12.72 0.22
N ALA A 219 -9.81 -12.35 0.22
CA ALA A 219 -10.58 -12.40 1.47
C ALA A 219 -10.76 -13.86 1.91
N LYS A 220 -10.74 -14.77 0.94
CA LYS A 220 -10.83 -16.21 1.23
C LYS A 220 -9.44 -16.81 1.48
N ALA A 221 -8.49 -15.94 1.82
CA ALA A 221 -7.12 -16.35 2.12
C ALA A 221 -6.49 -17.20 0.99
N GLY A 222 -6.89 -16.93 -0.25
CA GLY A 222 -6.37 -17.64 -1.42
C GLY A 222 -6.84 -19.06 -1.64
N GLY A 223 -7.82 -19.53 -0.86
CA GLY A 223 -8.32 -20.91 -1.00
C GLY A 223 -9.73 -21.01 -1.54
N GLY A 224 -10.07 -20.10 -2.45
CA GLY A 224 -11.39 -20.08 -3.05
C GLY A 224 -11.65 -18.76 -3.75
N SER A 225 -12.74 -18.73 -4.51
CA SER A 225 -13.15 -17.56 -5.26
C SER A 225 -14.64 -17.33 -5.07
N ALA A 226 -15.21 -16.38 -5.80
CA ALA A 226 -16.62 -16.06 -5.69
C ALA A 226 -17.47 -17.23 -6.18
N THR A 227 -18.41 -17.65 -5.35
CA THR A 227 -19.28 -18.76 -5.68
C THR A 227 -20.74 -18.38 -5.49
N LEU A 228 -21.06 -17.85 -4.31
CA LEU A 228 -22.42 -17.47 -3.98
C LEU A 228 -22.91 -16.32 -4.86
N SER A 229 -22.14 -15.22 -4.93
CA SER A 229 -22.53 -14.08 -5.76
C SER A 229 -22.53 -14.49 -7.24
N GLY A 231 -23.35 -17.39 -8.27
CA GLY A 231 -24.54 -18.22 -8.42
C GLY A 231 -25.75 -17.31 -8.54
N GLN A 232 -25.77 -16.25 -7.74
CA GLN A 232 -26.83 -15.24 -7.75
C GLN A 232 -26.91 -14.66 -9.18
N ALA A 233 -25.77 -14.22 -9.69
CA ALA A 233 -25.67 -13.63 -11.03
C ALA A 233 -26.14 -14.56 -12.14
N ALA A 234 -25.72 -15.82 -12.09
CA ALA A 234 -26.09 -16.79 -13.09
C ALA A 234 -27.58 -17.09 -13.00
N CYS A 235 -28.14 -17.00 -11.80
CA CYS A 235 -29.58 -17.24 -11.61
C CYS A 235 -30.36 -16.14 -12.30
N ARG A 236 -29.93 -14.90 -12.11
CA ARG A 236 -30.55 -13.76 -12.75
C ARG A 236 -30.52 -13.91 -14.25
N PHE A 237 -29.37 -14.27 -14.80
CA PHE A 237 -29.28 -14.40 -16.25
C PHE A 237 -30.09 -15.59 -16.76
N GLY A 238 -30.08 -16.68 -15.98
CA GLY A 238 -30.83 -17.88 -16.32
C GLY A 238 -32.32 -17.61 -16.36
N LEU A 239 -32.84 -16.92 -15.34
CA LEU A 239 -34.27 -16.57 -15.30
C LEU A 239 -34.63 -15.62 -16.43
N ALA A 240 -33.72 -14.72 -16.77
CA ALA A 240 -33.96 -13.78 -17.85
C ALA A 240 -34.16 -14.56 -19.15
N LEU A 241 -33.34 -15.58 -19.38
CA LEU A 241 -33.47 -16.41 -20.59
C LEU A 241 -34.79 -17.15 -20.59
N VAL A 242 -35.20 -17.66 -19.43
CA VAL A 242 -36.45 -18.39 -19.31
C VAL A 242 -37.63 -17.45 -19.60
N LYS A 243 -37.61 -16.24 -19.02
CA LYS A 243 -38.70 -15.31 -19.26
C LYS A 243 -38.76 -15.00 -20.76
N ALA A 244 -37.60 -14.78 -21.37
CA ALA A 244 -37.54 -14.47 -22.81
C ALA A 244 -38.09 -15.62 -23.65
N LEU A 245 -37.71 -16.85 -23.32
CA LEU A 245 -38.21 -18.00 -24.07
C LEU A 245 -39.71 -18.15 -23.86
N GLN A 246 -40.23 -17.64 -22.74
CA GLN A 246 -41.66 -17.70 -22.45
C GLN A 246 -42.43 -16.53 -23.07
N GLY A 247 -41.75 -15.71 -23.85
CA GLY A 247 -42.40 -14.60 -24.56
C GLY A 247 -42.28 -13.20 -24.00
N GLU A 248 -41.52 -13.02 -22.93
CA GLU A 248 -41.37 -11.69 -22.35
C GLU A 248 -40.15 -10.95 -22.89
N GLU A 249 -40.34 -9.70 -23.28
CA GLU A 249 -39.24 -8.89 -23.78
C GLU A 249 -38.36 -8.56 -22.60
N VAL A 250 -37.11 -8.98 -22.66
CA VAL A 250 -36.18 -8.74 -21.58
C VAL A 250 -34.87 -8.21 -22.14
N ILE A 251 -34.34 -7.16 -21.53
CA ILE A 251 -33.06 -6.58 -21.96
C ILE A 251 -31.98 -6.96 -20.94
N GLU A 252 -30.93 -7.61 -21.40
CA GLU A 252 -29.81 -8.01 -20.55
C GLU A 252 -28.44 -7.72 -21.14
N TYR A 253 -27.45 -7.74 -20.27
CA TYR A 253 -26.08 -7.53 -20.68
C TYR A 253 -25.42 -8.88 -20.72
N ALA A 254 -24.77 -9.17 -21.84
CA ALA A 254 -24.11 -10.45 -22.04
C ALA A 254 -23.06 -10.38 -23.15
N TYR A 255 -22.10 -11.30 -23.06
CA TYR A 255 -21.00 -11.44 -24.02
C TYR A 255 -21.55 -12.29 -25.16
N VAL A 256 -21.81 -11.65 -26.30
CA VAL A 256 -22.38 -12.34 -27.45
C VAL A 256 -21.71 -11.99 -28.76
N GLU A 257 -22.01 -12.77 -29.80
CA GLU A 257 -21.47 -12.48 -31.10
C GLU A 257 -22.36 -11.40 -31.68
N GLY A 258 -21.88 -10.16 -31.60
CA GLY A 258 -22.64 -9.02 -32.10
C GLY A 258 -22.25 -8.58 -33.49
N ASN A 259 -22.34 -7.27 -33.72
CA ASN A 259 -22.02 -6.67 -35.02
C ASN A 259 -20.51 -6.65 -35.28
N GLY A 260 -19.73 -6.85 -34.22
CA GLY A 260 -18.28 -6.88 -34.34
C GLY A 260 -17.58 -5.55 -34.52
N GLU A 261 -18.12 -4.48 -33.96
CA GLU A 261 -17.47 -3.18 -34.07
C GLU A 261 -16.11 -3.20 -33.38
N HIS A 262 -15.99 -3.96 -32.29
CA HIS A 262 -14.75 -3.99 -31.51
C HIS A 262 -14.08 -5.36 -31.42
N ALA A 263 -14.88 -6.41 -31.29
CA ALA A 263 -14.40 -7.78 -31.24
C ALA A 263 -15.54 -8.68 -31.75
N SER A 264 -15.20 -9.86 -32.26
CA SER A 264 -16.21 -10.79 -32.76
C SER A 264 -17.25 -11.08 -31.67
N PHE A 265 -16.76 -11.21 -30.44
CA PHE A 265 -17.60 -11.41 -29.26
C PHE A 265 -17.35 -10.18 -28.39
N PHE A 266 -18.43 -9.60 -27.86
CA PHE A 266 -18.34 -8.39 -27.05
C PHE A 266 -19.57 -8.33 -26.16
N ALA A 267 -19.40 -7.86 -24.92
CA ALA A 267 -20.53 -7.76 -24.01
C ALA A 267 -21.21 -6.41 -24.15
N GLN A 268 -22.53 -6.44 -24.34
CA GLN A 268 -23.32 -5.23 -24.50
C GLN A 268 -24.78 -5.55 -24.25
N PRO A 269 -25.66 -4.53 -24.26
CA PRO A 269 -27.04 -4.89 -24.03
C PRO A 269 -27.66 -5.62 -25.22
N VAL A 270 -28.50 -6.60 -24.92
CA VAL A 270 -29.19 -7.36 -25.96
C VAL A 270 -30.66 -7.53 -25.58
N LYS A 271 -31.54 -7.53 -26.59
CA LYS A 271 -32.95 -7.74 -26.33
C LYS A 271 -33.16 -9.23 -26.51
N LEU A 272 -33.57 -9.92 -25.45
CA LEU A 272 -33.79 -11.36 -25.50
C LEU A 272 -35.22 -11.63 -25.92
N GLY A 273 -35.41 -12.70 -26.69
CA GLY A 273 -36.72 -13.09 -27.18
C GLY A 273 -36.87 -14.61 -27.19
N LYS A 274 -37.89 -15.07 -27.90
CA LYS A 274 -38.18 -16.51 -28.01
C LYS A 274 -37.08 -17.32 -28.69
N GLU A 275 -36.21 -16.65 -29.44
CA GLU A 275 -35.11 -17.33 -30.14
C GLU A 275 -33.74 -16.99 -29.58
N GLY A 276 -33.70 -16.48 -28.35
CA GLY A 276 -32.46 -16.10 -27.73
C GLY A 276 -32.26 -14.62 -28.05
N VAL A 277 -31.11 -14.27 -28.60
CA VAL A 277 -30.90 -12.87 -28.96
C VAL A 277 -31.88 -12.43 -30.03
N GLU A 278 -32.71 -11.45 -29.69
CA GLU A 278 -33.70 -10.90 -30.61
C GLU A 278 -33.08 -9.70 -31.31
N GLU A 279 -32.33 -8.89 -30.57
CA GLU A 279 -31.70 -7.71 -31.15
C GLU A 279 -30.46 -7.30 -30.36
N ILE A 280 -29.39 -6.99 -31.08
CA ILE A 280 -28.15 -6.49 -30.48
C ILE A 280 -28.36 -4.99 -30.35
N LEU A 281 -28.40 -4.48 -29.13
CA LEU A 281 -28.65 -3.06 -28.89
C LEU A 281 -27.39 -2.22 -28.71
N PRO A 282 -27.45 -0.95 -29.14
CA PRO A 282 -26.32 -0.05 -28.98
C PRO A 282 -26.09 0.21 -27.49
N TYR A 283 -24.84 0.39 -27.08
CA TYR A 283 -24.54 0.64 -25.67
C TYR A 283 -24.57 2.12 -25.26
N GLY A 284 -24.95 2.99 -26.18
CA GLY A 284 -25.04 4.43 -25.89
C GLY A 284 -23.73 5.20 -25.91
N GLU A 285 -23.81 6.45 -25.45
N GLU A 285 -23.81 6.43 -25.41
CA GLU A 285 -22.63 7.33 -25.43
CA GLU A 285 -22.68 7.34 -25.35
C GLU A 285 -21.66 6.96 -24.31
C GLU A 285 -21.66 6.96 -24.28
N LEU A 286 -20.38 7.12 -24.62
CA LEU A 286 -19.31 6.82 -23.70
C LEU A 286 -18.59 8.12 -23.36
N SER A 287 -18.00 8.16 -22.17
CA SER A 287 -17.24 9.31 -21.72
C SER A 287 -15.84 9.14 -22.30
N ASP A 288 -15.03 10.20 -22.28
CA ASP A 288 -13.67 10.07 -22.80
C ASP A 288 -12.95 8.93 -22.08
N PHE A 289 -13.10 8.88 -20.76
CA PHE A 289 -12.47 7.84 -19.94
C PHE A 289 -12.90 6.44 -20.40
N GLU A 290 -14.18 6.27 -20.68
CA GLU A 290 -14.71 4.99 -21.13
C GLU A 290 -14.17 4.62 -22.52
N LYS A 291 -14.09 5.59 -23.42
CA LYS A 291 -13.56 5.34 -24.76
C LYS A 291 -12.10 4.91 -24.69
N ALA A 292 -11.31 5.59 -23.87
CA ALA A 292 -9.91 5.26 -23.71
C ALA A 292 -9.79 3.85 -23.13
N ALA A 293 -10.70 3.48 -22.23
CA ALA A 293 -10.68 2.14 -21.66
C ALA A 293 -11.04 1.12 -22.75
N LEU A 294 -12.04 1.44 -23.57
CA LEU A 294 -12.44 0.54 -24.65
C LEU A 294 -11.26 0.39 -25.62
N ASP A 295 -10.70 1.49 -26.12
CA ASP A 295 -9.56 1.39 -27.04
C ASP A 295 -8.44 0.56 -26.44
N GLY A 296 -8.19 0.78 -25.15
CA GLY A 296 -7.13 0.09 -24.44
C GLY A 296 -7.27 -1.40 -24.20
N LEU A 298 -8.91 -3.54 -26.46
CA LEU A 298 -9.09 -4.24 -27.73
C LEU A 298 -8.09 -5.36 -28.01
N GLU A 299 -6.80 -5.07 -27.88
N GLU A 299 -6.79 -5.10 -27.92
CA GLU A 299 -5.75 -6.05 -28.14
CA GLU A 299 -5.81 -6.14 -28.21
C GLU A 299 -5.93 -7.27 -27.22
C GLU A 299 -5.93 -7.30 -27.22
N THR A 300 -6.28 -7.01 -25.97
CA THR A 300 -6.45 -8.06 -24.97
C THR A 300 -7.66 -8.96 -25.24
N LEU A 301 -8.80 -8.33 -25.52
CA LEU A 301 -10.04 -9.06 -25.76
C LEU A 301 -9.95 -9.91 -27.02
N ASN A 302 -9.47 -9.32 -28.10
CA ASN A 302 -9.32 -10.05 -29.34
C ASN A 302 -8.32 -11.21 -29.23
N SER A 303 -7.28 -11.05 -28.41
CA SER A 303 -6.31 -12.13 -28.21
C SER A 303 -6.94 -13.26 -27.40
N ASP A 304 -7.81 -12.92 -26.45
CA ASP A 304 -8.53 -13.94 -25.67
C ASP A 304 -9.44 -14.76 -26.60
N ILE A 305 -10.05 -14.10 -27.58
CA ILE A 305 -10.91 -14.78 -28.54
C ILE A 305 -10.02 -15.68 -29.40
N GLN A 306 -8.91 -15.14 -29.87
CA GLN A 306 -7.96 -15.91 -30.69
C GLN A 306 -7.55 -17.19 -29.98
N ILE A 307 -7.21 -17.08 -28.70
CA ILE A 307 -6.80 -18.24 -27.90
C ILE A 307 -7.86 -19.35 -27.97
N GLY A 308 -9.14 -18.96 -27.90
CA GLY A 308 -10.23 -19.93 -27.97
C GLY A 308 -10.34 -20.57 -29.33
N VAL A 309 -10.27 -19.76 -30.38
CA VAL A 309 -10.32 -20.26 -31.75
C VAL A 309 -9.18 -21.25 -32.02
N ASP A 310 -7.98 -20.92 -31.53
CA ASP A 310 -6.81 -21.79 -31.68
C ASP A 310 -6.99 -23.15 -31.00
N PHE A 311 -7.67 -23.16 -29.87
CA PHE A 311 -7.89 -24.39 -29.12
C PHE A 311 -8.77 -25.37 -29.88
N VAL A 312 -9.68 -24.86 -30.69
CA VAL A 312 -10.56 -25.74 -31.46
C VAL A 312 -10.01 -25.97 -32.85
N ALA B 3 -34.42 -2.43 12.77
CA ALA B 3 -33.18 -2.99 12.16
C ALA B 3 -32.62 -4.08 13.07
N LYS B 5 -30.02 -7.53 13.72
CA LYS B 5 -28.73 -8.10 13.37
C LYS B 5 -28.85 -9.60 13.54
N VAL B 6 -28.48 -10.35 12.51
CA VAL B 6 -28.53 -11.80 12.56
C VAL B 6 -27.10 -12.34 12.42
N ALA B 7 -26.74 -13.24 13.33
CA ALA B 7 -25.42 -13.86 13.32
C ALA B 7 -25.56 -15.32 12.92
N VAL B 8 -24.68 -15.78 12.05
CA VAL B 8 -24.67 -17.17 11.61
C VAL B 8 -23.34 -17.74 12.08
N ILE B 9 -23.37 -18.70 13.00
CA ILE B 9 -22.17 -19.31 13.52
C ILE B 9 -22.01 -20.64 12.77
N GLY B 10 -20.81 -20.87 12.24
CA GLY B 10 -20.54 -22.06 11.43
C GLY B 10 -20.84 -21.71 9.97
N ALA B 11 -20.66 -20.44 9.63
CA ALA B 11 -20.96 -19.91 8.31
C ALA B 11 -20.16 -20.46 7.13
N ALA B 12 -19.02 -21.10 7.36
CA ALA B 12 -18.18 -21.61 6.26
C ALA B 12 -18.65 -22.96 5.67
N GLY B 13 -19.42 -23.71 6.43
CA GLY B 13 -19.93 -25.01 5.97
C GLY B 13 -21.01 -24.85 4.92
N GLY B 14 -21.43 -25.96 4.32
CA GLY B 14 -22.46 -25.95 3.29
C GLY B 14 -23.79 -25.39 3.77
N ILE B 15 -24.20 -25.79 4.97
CA ILE B 15 -25.44 -25.30 5.55
C ILE B 15 -25.32 -23.80 5.76
N GLY B 16 -24.22 -23.40 6.41
CA GLY B 16 -23.94 -22.00 6.71
C GLY B 16 -23.90 -21.09 5.51
N GLN B 17 -23.29 -21.53 4.42
CA GLN B 17 -23.23 -20.70 3.20
C GLN B 17 -24.58 -20.62 2.49
N ALA B 18 -25.35 -21.71 2.48
CA ALA B 18 -26.66 -21.68 1.84
C ALA B 18 -27.56 -20.72 2.63
N LEU B 19 -27.49 -20.82 3.96
CA LEU B 19 -28.24 -19.96 4.87
C LEU B 19 -27.85 -18.49 4.68
N ALA B 20 -26.55 -18.21 4.66
CA ALA B 20 -26.07 -16.85 4.49
C ALA B 20 -26.57 -16.23 3.17
N LEU B 21 -26.49 -17.00 2.09
CA LEU B 21 -26.94 -16.56 0.76
C LEU B 21 -28.43 -16.20 0.76
N LEU B 22 -29.26 -17.06 1.33
CA LEU B 22 -30.70 -16.79 1.37
C LEU B 22 -31.02 -15.61 2.28
N LEU B 23 -30.34 -15.49 3.41
CA LEU B 23 -30.55 -14.35 4.32
C LEU B 23 -30.15 -13.00 3.67
N LYS B 24 -29.07 -13.00 2.89
CA LYS B 24 -28.60 -11.78 2.21
C LYS B 24 -29.70 -11.32 1.24
N ASN B 25 -30.43 -12.29 0.70
CA ASN B 25 -31.51 -12.02 -0.24
C ASN B 25 -32.88 -11.73 0.35
N ARG B 26 -33.15 -12.31 1.52
CA ARG B 26 -34.47 -12.17 2.12
C ARG B 26 -34.62 -11.37 3.40
N LEU B 27 -33.54 -11.06 4.12
CA LEU B 27 -33.70 -10.27 5.34
C LEU B 27 -34.29 -8.91 4.95
N PRO B 28 -35.12 -8.33 5.83
CA PRO B 28 -35.69 -7.02 5.50
C PRO B 28 -34.62 -5.97 5.29
N ALA B 29 -34.92 -5.01 4.43
CA ALA B 29 -34.00 -3.91 4.14
C ALA B 29 -33.54 -3.23 5.42
N GLY B 30 -32.24 -2.96 5.51
CA GLY B 30 -31.65 -2.33 6.69
C GLY B 30 -31.05 -3.33 7.68
N SER B 31 -31.30 -4.62 7.46
CA SER B 31 -30.78 -5.66 8.36
C SER B 31 -29.27 -5.76 8.33
N ASP B 32 -28.71 -6.37 9.37
CA ASP B 32 -27.26 -6.59 9.48
C ASP B 32 -27.06 -8.10 9.61
N LEU B 33 -26.08 -8.63 8.90
CA LEU B 33 -25.83 -10.07 8.92
C LEU B 33 -24.35 -10.30 9.21
N ALA B 34 -24.07 -11.08 10.25
CA ALA B 34 -22.69 -11.37 10.66
C ALA B 34 -22.40 -12.85 10.59
N LEU B 35 -21.29 -13.19 9.95
CA LEU B 35 -20.90 -14.58 9.80
C LEU B 35 -19.64 -14.88 10.62
N TYR B 36 -19.62 -16.03 11.28
CA TYR B 36 -18.43 -16.46 12.02
C TYR B 36 -18.15 -17.94 11.81
N ASP B 37 -16.87 -18.27 11.62
CA ASP B 37 -16.45 -19.65 11.46
C ASP B 37 -14.93 -19.63 11.62
N ILE B 38 -14.38 -20.60 12.35
CA ILE B 38 -12.94 -20.64 12.58
C ILE B 38 -12.16 -20.91 11.28
N ALA B 39 -12.86 -21.35 10.24
CA ALA B 39 -12.24 -21.57 8.94
C ALA B 39 -11.85 -20.18 8.40
N PRO B 40 -10.57 -20.01 8.02
CA PRO B 40 -10.11 -18.70 7.52
C PRO B 40 -10.80 -18.15 6.27
N VAL B 41 -11.61 -18.96 5.61
CA VAL B 41 -12.32 -18.54 4.41
C VAL B 41 -13.49 -17.62 4.72
N THR B 42 -13.91 -17.59 5.99
CA THR B 42 -15.11 -16.84 6.40
C THR B 42 -15.19 -15.35 5.97
N PRO B 43 -14.13 -14.55 6.18
CA PRO B 43 -14.27 -13.16 5.73
C PRO B 43 -14.56 -13.09 4.22
N GLY B 44 -14.00 -14.04 3.47
CA GLY B 44 -14.20 -14.11 2.02
C GLY B 44 -15.60 -14.56 1.62
N VAL B 45 -16.26 -15.34 2.47
CA VAL B 45 -17.62 -15.78 2.20
C VAL B 45 -18.50 -14.53 2.29
N ALA B 46 -18.22 -13.69 3.29
CA ALA B 46 -18.92 -12.43 3.48
C ALA B 46 -18.62 -11.48 2.32
N ALA B 47 -17.37 -11.42 1.90
CA ALA B 47 -17.00 -10.52 0.79
C ALA B 47 -17.77 -10.92 -0.46
N ASP B 48 -17.79 -12.22 -0.72
CA ASP B 48 -18.49 -12.85 -1.86
C ASP B 48 -19.94 -12.36 -1.86
N LEU B 49 -20.62 -12.58 -0.73
CA LEU B 49 -22.01 -12.18 -0.57
C LEU B 49 -22.20 -10.66 -0.58
N SER B 50 -21.21 -9.91 -0.13
CA SER B 50 -21.35 -8.45 -0.07
C SER B 50 -21.48 -7.84 -1.46
N HIS B 51 -21.13 -8.58 -2.51
CA HIS B 51 -21.28 -8.04 -3.86
C HIS B 51 -22.70 -8.22 -4.42
N ILE B 52 -23.61 -8.78 -3.63
CA ILE B 52 -24.99 -8.97 -4.06
C ILE B 52 -25.78 -7.69 -3.70
N PRO B 53 -26.45 -7.07 -4.67
CA PRO B 53 -27.16 -5.82 -4.41
C PRO B 53 -28.50 -5.85 -3.67
N THR B 54 -28.45 -6.09 -2.37
CA THR B 54 -29.64 -6.06 -1.49
C THR B 54 -29.26 -5.13 -0.35
N HIS B 55 -30.24 -4.51 0.29
CA HIS B 55 -29.93 -3.56 1.36
C HIS B 55 -29.80 -4.29 2.70
N VAL B 56 -28.80 -5.17 2.76
CA VAL B 56 -28.46 -5.96 3.93
C VAL B 56 -26.95 -5.91 4.03
N SER B 57 -26.45 -5.37 5.13
CA SER B 57 -25.00 -5.29 5.32
C SER B 57 -24.46 -6.64 5.79
N ILE B 58 -23.29 -7.03 5.31
CA ILE B 58 -22.72 -8.30 5.71
C ILE B 58 -21.23 -8.19 6.05
N LYS B 59 -20.83 -8.92 7.09
CA LYS B 59 -19.45 -8.96 7.54
C LYS B 59 -19.10 -10.41 7.92
N GLY B 60 -17.85 -10.80 7.75
CA GLY B 60 -17.41 -12.16 8.06
C GLY B 60 -16.18 -12.14 8.95
N TYR B 61 -16.12 -13.09 9.89
CA TYR B 61 -15.02 -13.17 10.82
C TYR B 61 -14.50 -14.58 10.97
N ALA B 62 -13.18 -14.70 10.98
CA ALA B 62 -12.50 -15.96 11.19
C ALA B 62 -11.76 -15.73 12.51
N GLY B 63 -10.64 -16.38 12.73
CA GLY B 63 -9.95 -16.20 13.98
C GLY B 63 -10.60 -17.07 15.03
N GLU B 64 -10.17 -16.95 16.28
CA GLU B 64 -10.68 -17.81 17.34
C GLU B 64 -11.74 -17.18 18.26
N ASP B 65 -12.28 -16.03 17.88
CA ASP B 65 -13.24 -15.31 18.72
C ASP B 65 -14.48 -14.88 17.95
N PRO B 66 -15.67 -15.40 18.32
CA PRO B 66 -16.89 -15.02 17.61
C PRO B 66 -17.56 -13.74 18.12
N THR B 67 -16.96 -13.08 19.10
CA THR B 67 -17.55 -11.87 19.71
C THR B 67 -18.05 -10.81 18.73
N PRO B 68 -17.27 -10.49 17.69
CA PRO B 68 -17.74 -9.47 16.71
C PRO B 68 -19.07 -9.83 16.04
N ALA B 69 -19.33 -11.12 15.84
CA ALA B 69 -20.56 -11.57 15.21
C ALA B 69 -21.71 -11.61 16.21
N LEU B 70 -21.40 -11.99 17.44
CA LEU B 70 -22.40 -12.10 18.50
C LEU B 70 -22.83 -10.76 19.10
N GLU B 71 -21.93 -9.78 19.12
CA GLU B 71 -22.24 -8.47 19.68
C GLU B 71 -23.42 -7.80 18.99
N GLY B 72 -24.38 -7.37 19.80
CA GLY B 72 -25.58 -6.70 19.31
C GLY B 72 -26.48 -7.60 18.48
N ALA B 73 -26.23 -8.91 18.48
CA ALA B 73 -27.03 -9.84 17.69
C ALA B 73 -28.41 -9.99 18.29
N ASP B 74 -29.42 -9.92 17.44
CA ASP B 74 -30.82 -10.07 17.86
C ASP B 74 -31.24 -11.52 17.70
N VAL B 75 -30.65 -12.19 16.74
CA VAL B 75 -30.91 -13.58 16.45
C VAL B 75 -29.55 -14.22 16.20
N VAL B 76 -29.35 -15.40 16.79
CA VAL B 76 -28.11 -16.14 16.60
C VAL B 76 -28.47 -17.54 16.10
N LEU B 77 -28.10 -17.83 14.86
CA LEU B 77 -28.36 -19.12 14.24
C LEU B 77 -27.09 -19.94 14.36
N ILE B 78 -27.18 -21.04 15.12
CA ILE B 78 -26.01 -21.91 15.36
C ILE B 78 -25.95 -23.09 14.41
N SER B 79 -24.99 -23.05 13.52
CA SER B 79 -24.78 -24.12 12.56
C SER B 79 -23.33 -24.57 12.66
N ALA B 80 -22.79 -24.50 13.88
CA ALA B 80 -21.43 -24.90 14.16
C ALA B 80 -21.32 -26.43 14.16
N GLY B 81 -20.10 -26.93 14.18
CA GLY B 81 -19.87 -28.38 14.22
C GLY B 81 -19.99 -29.09 12.89
N VAL B 82 -20.14 -30.41 12.96
CA VAL B 82 -20.25 -31.24 11.77
C VAL B 82 -21.65 -31.80 11.57
N ALA B 83 -22.07 -31.88 10.31
CA ALA B 83 -23.39 -32.38 9.96
C ALA B 83 -23.39 -33.90 9.94
N ARG B 84 -24.56 -34.50 10.21
CA ARG B 84 -24.69 -35.97 10.24
C ARG B 84 -25.21 -36.52 8.92
N ASP B 89 -20.91 -42.69 13.66
CA ASP B 89 -22.22 -43.04 14.22
C ASP B 89 -22.73 -41.91 15.14
N ARG B 90 -23.63 -42.27 16.06
CA ARG B 90 -24.23 -41.30 16.97
C ARG B 90 -23.24 -40.72 17.98
N ALA B 91 -22.34 -41.56 18.50
CA ALA B 91 -21.35 -41.11 19.49
C ALA B 91 -20.35 -40.08 18.97
N ASP B 92 -19.87 -40.25 17.75
CA ASP B 92 -18.90 -39.31 17.15
C ASP B 92 -19.50 -37.92 16.98
N LEU B 93 -20.66 -37.87 16.33
CA LEU B 93 -21.38 -36.63 16.09
C LEU B 93 -21.47 -35.87 17.42
N PHE B 94 -21.97 -36.56 18.44
CA PHE B 94 -22.17 -35.98 19.75
C PHE B 94 -20.89 -35.42 20.39
N ASN B 95 -19.83 -36.21 20.43
CA ASN B 95 -18.58 -35.78 21.03
C ASN B 95 -17.96 -34.55 20.38
N VAL B 96 -18.19 -34.36 19.09
CA VAL B 96 -17.70 -33.17 18.40
C VAL B 96 -18.61 -31.96 18.66
N ASN B 97 -19.88 -32.13 18.32
CA ASN B 97 -20.88 -31.07 18.42
C ASN B 97 -21.35 -30.60 19.80
N ALA B 98 -21.44 -31.52 20.76
CA ALA B 98 -21.89 -31.16 22.09
C ALA B 98 -21.00 -30.09 22.70
N GLY B 99 -19.69 -30.36 22.73
CA GLY B 99 -18.71 -29.44 23.29
C GLY B 99 -18.68 -28.10 22.58
N ILE B 100 -18.83 -28.12 21.26
CA ILE B 100 -18.83 -26.90 20.45
C ILE B 100 -20.03 -26.01 20.80
N VAL B 101 -21.20 -26.62 20.97
CA VAL B 101 -22.41 -25.87 21.31
C VAL B 101 -22.29 -25.30 22.73
N LYS B 102 -21.83 -26.13 23.66
CA LYS B 102 -21.65 -25.69 25.03
C LYS B 102 -20.71 -24.49 25.09
N SER B 103 -19.61 -24.53 24.34
CA SER B 103 -18.65 -23.43 24.34
C SER B 103 -19.26 -22.15 23.76
N LEU B 104 -20.04 -22.29 22.68
CA LEU B 104 -20.73 -21.14 22.09
C LEU B 104 -21.73 -20.55 23.06
N ALA B 105 -22.57 -21.41 23.64
CA ALA B 105 -23.60 -20.97 24.58
C ALA B 105 -22.97 -20.20 25.73
N GLU B 106 -21.80 -20.62 26.20
CA GLU B 106 -21.11 -19.94 27.29
C GLU B 106 -20.75 -18.51 26.90
N ARG B 107 -20.34 -18.31 25.65
CA ARG B 107 -19.99 -16.98 25.17
C ARG B 107 -21.26 -16.16 24.88
N ILE B 108 -22.29 -16.82 24.35
CA ILE B 108 -23.55 -16.16 24.08
C ILE B 108 -24.14 -15.61 25.38
N ALA B 109 -24.01 -16.37 26.46
CA ALA B 109 -24.54 -15.96 27.75
C ALA B 109 -23.97 -14.62 28.20
N VAL B 110 -22.75 -14.31 27.78
CA VAL B 110 -22.08 -13.07 28.16
C VAL B 110 -22.21 -11.93 27.15
N VAL B 111 -22.08 -12.24 25.86
CA VAL B 111 -22.13 -11.22 24.81
C VAL B 111 -23.55 -10.80 24.37
N CYS B 112 -24.46 -11.75 24.20
CA CYS B 112 -25.82 -11.42 23.78
C CYS B 112 -26.86 -12.33 24.41
N PRO B 113 -27.05 -12.23 25.74
CA PRO B 113 -28.02 -13.06 26.45
C PRO B 113 -29.48 -12.77 26.09
N ASN B 114 -29.74 -11.66 25.40
CA ASN B 114 -31.11 -11.30 25.00
C ASN B 114 -31.43 -11.70 23.56
N ALA B 115 -30.50 -12.37 22.91
CA ALA B 115 -30.70 -12.81 21.53
C ALA B 115 -31.57 -14.07 21.48
N CYS B 116 -32.32 -14.21 20.39
CA CYS B 116 -33.09 -15.42 20.17
C CYS B 116 -32.09 -16.37 19.56
N ILE B 117 -32.01 -17.57 20.09
CA ILE B 117 -31.05 -18.55 19.64
C ILE B 117 -31.72 -19.71 18.92
N GLY B 118 -31.34 -19.93 17.66
CA GLY B 118 -31.88 -21.02 16.88
C GLY B 118 -30.76 -22.02 16.63
N ILE B 119 -30.83 -23.19 17.26
CA ILE B 119 -29.78 -24.20 17.10
C ILE B 119 -30.11 -25.18 15.98
N ILE B 120 -29.24 -25.22 14.98
CA ILE B 120 -29.38 -26.09 13.81
C ILE B 120 -28.52 -27.32 14.02
N THR B 121 -27.36 -27.09 14.64
CA THR B 121 -26.40 -28.14 14.97
C THR B 121 -27.03 -29.34 15.66
N ASN B 122 -26.84 -30.51 15.07
CA ASN B 122 -27.40 -31.75 15.62
C ASN B 122 -26.45 -32.44 16.59
N PRO B 123 -26.97 -33.31 17.45
CA PRO B 123 -28.39 -33.70 17.60
C PRO B 123 -29.22 -32.66 18.37
N VAL B 124 -30.13 -31.99 17.67
CA VAL B 124 -30.96 -30.94 18.27
C VAL B 124 -31.72 -31.32 19.55
N ASN B 125 -32.23 -32.54 19.62
CA ASN B 125 -32.95 -32.98 20.82
C ASN B 125 -32.11 -32.79 22.05
N THR B 126 -30.78 -32.87 21.86
CA THR B 126 -29.80 -32.78 22.94
C THR B 126 -29.00 -31.48 22.98
N THR B 127 -28.71 -30.87 21.84
CA THR B 127 -27.91 -29.64 21.85
C THR B 127 -28.68 -28.45 22.43
N VAL B 128 -30.01 -28.46 22.29
CA VAL B 128 -30.81 -27.37 22.85
C VAL B 128 -30.76 -27.45 24.39
N PRO B 129 -30.98 -28.65 24.97
CA PRO B 129 -30.85 -28.73 26.43
C PRO B 129 -29.46 -28.30 26.92
N ILE B 130 -28.42 -28.68 26.19
CA ILE B 130 -27.05 -28.27 26.54
C ILE B 130 -26.99 -26.75 26.64
N ALA B 131 -27.53 -26.09 25.62
CA ALA B 131 -27.54 -24.62 25.57
C ALA B 131 -28.30 -24.06 26.75
N ALA B 132 -29.48 -24.62 27.03
CA ALA B 132 -30.31 -24.16 28.15
C ALA B 132 -29.58 -24.25 29.49
N GLU B 133 -28.92 -25.37 29.76
CA GLU B 133 -28.19 -25.55 31.02
C GLU B 133 -27.02 -24.58 31.15
N VAL B 134 -26.32 -24.30 30.04
CA VAL B 134 -25.22 -23.35 30.08
C VAL B 134 -25.75 -21.97 30.43
N LEU B 135 -26.87 -21.59 29.81
CA LEU B 135 -27.48 -20.29 30.08
C LEU B 135 -27.93 -20.19 31.54
N LYS B 136 -28.45 -21.28 32.10
CA LYS B 136 -28.89 -21.28 33.50
C LYS B 136 -27.72 -21.07 34.46
N LYS B 137 -26.58 -21.70 34.20
CA LYS B 137 -25.41 -21.52 35.08
C LYS B 137 -24.94 -20.08 35.04
N ALA B 138 -25.15 -19.43 33.90
CA ALA B 138 -24.77 -18.04 33.74
C ALA B 138 -25.81 -17.14 34.40
N GLY B 139 -26.96 -17.72 34.76
CA GLY B 139 -28.04 -16.98 35.40
C GLY B 139 -28.79 -16.03 34.46
N VAL B 140 -28.77 -16.33 33.17
CA VAL B 140 -29.45 -15.47 32.19
C VAL B 140 -30.42 -16.22 31.28
N TYR B 141 -30.79 -17.44 31.64
CA TYR B 141 -31.67 -18.23 30.78
C TYR B 141 -33.08 -17.68 30.62
N ASP B 142 -33.45 -17.45 29.36
CA ASP B 142 -34.79 -16.96 29.02
C ASP B 142 -35.35 -18.02 28.07
N LYS B 143 -36.17 -18.92 28.60
CA LYS B 143 -36.73 -20.00 27.78
C LYS B 143 -37.55 -19.55 26.58
N ARG B 144 -37.90 -18.27 26.52
CA ARG B 144 -38.64 -17.75 25.39
C ARG B 144 -37.70 -17.52 24.21
N LYS B 145 -36.39 -17.52 24.48
CA LYS B 145 -35.39 -17.23 23.45
C LYS B 145 -34.51 -18.38 22.97
N LEU B 146 -34.82 -19.60 23.38
CA LEU B 146 -34.03 -20.76 22.95
C LEU B 146 -34.91 -21.66 22.07
N PHE B 147 -34.42 -21.99 20.88
CA PHE B 147 -35.16 -22.82 19.94
C PHE B 147 -34.29 -23.84 19.24
N GLY B 148 -34.85 -25.03 19.02
CA GLY B 148 -34.21 -26.09 18.27
C GLY B 148 -34.91 -25.94 16.92
N VAL B 149 -34.14 -25.73 15.86
CA VAL B 149 -34.75 -25.52 14.54
C VAL B 149 -35.15 -26.85 13.92
N THR B 150 -36.47 -27.07 13.88
CA THR B 150 -37.03 -28.30 13.34
C THR B 150 -37.71 -28.05 12.00
N THR B 151 -37.56 -26.84 11.46
CA THR B 151 -38.19 -26.43 10.21
C THR B 151 -37.95 -27.38 9.02
N LEU B 152 -36.80 -28.06 8.99
CA LEU B 152 -36.52 -28.99 7.89
C LEU B 152 -37.55 -30.13 7.87
N ASP B 153 -37.99 -30.58 9.04
CA ASP B 153 -38.99 -31.65 9.12
C ASP B 153 -40.29 -31.13 8.53
N VAL B 154 -40.57 -29.86 8.81
CA VAL B 154 -41.77 -29.20 8.32
C VAL B 154 -41.78 -29.07 6.79
N ILE B 155 -40.74 -28.46 6.21
CA ILE B 155 -40.74 -28.27 4.75
C ILE B 155 -40.68 -29.60 3.97
N ARG B 156 -39.97 -30.58 4.51
CA ARG B 156 -39.93 -31.91 3.90
C ARG B 156 -41.35 -32.49 3.86
N SER B 157 -42.07 -32.35 4.97
CA SER B 157 -43.42 -32.87 5.09
C SER B 157 -44.37 -32.19 4.09
N GLU B 158 -44.21 -30.88 3.92
CA GLU B 158 -45.01 -30.10 2.98
C GLU B 158 -44.72 -30.61 1.57
N THR B 159 -43.43 -30.77 1.25
CA THR B 159 -43.06 -31.25 -0.08
C THR B 159 -43.63 -32.63 -0.37
N PHE B 160 -43.43 -33.58 0.55
CA PHE B 160 -43.91 -34.94 0.33
C PHE B 160 -45.43 -35.04 0.26
N VAL B 161 -46.15 -34.31 1.11
CA VAL B 161 -47.61 -34.34 1.07
C VAL B 161 -48.10 -33.71 -0.22
N ALA B 162 -47.55 -32.55 -0.56
CA ALA B 162 -47.94 -31.83 -1.78
C ALA B 162 -47.74 -32.68 -3.03
N GLU B 163 -46.67 -33.47 -3.03
CA GLU B 163 -46.33 -34.36 -4.14
C GLU B 163 -47.30 -35.53 -4.28
N LEU B 164 -47.58 -36.19 -3.17
CA LEU B 164 -48.47 -37.34 -3.15
C LEU B 164 -49.93 -37.00 -3.51
N LYS B 165 -50.38 -35.81 -3.11
CA LYS B 165 -51.76 -35.39 -3.34
C LYS B 165 -51.96 -34.34 -4.44
N GLY B 166 -50.96 -34.12 -5.28
CA GLY B 166 -51.05 -33.13 -6.35
C GLY B 166 -51.45 -31.75 -5.86
N GLN B 167 -50.93 -31.35 -4.71
CA GLN B 167 -51.23 -30.04 -4.14
C GLN B 167 -50.13 -29.04 -4.48
N ASP B 168 -50.38 -27.76 -4.20
CA ASP B 168 -49.40 -26.72 -4.44
C ASP B 168 -48.50 -26.73 -3.22
N PRO B 169 -47.22 -27.09 -3.41
CA PRO B 169 -46.32 -27.18 -2.26
C PRO B 169 -46.18 -25.89 -1.47
N GLY B 170 -46.38 -24.75 -2.11
CA GLY B 170 -46.25 -23.47 -1.45
C GLY B 170 -47.39 -23.11 -0.52
N GLU B 171 -48.51 -23.80 -0.67
CA GLU B 171 -49.70 -23.52 0.16
C GLU B 171 -50.03 -24.62 1.18
N VAL B 172 -49.39 -25.79 1.06
CA VAL B 172 -49.66 -26.90 1.96
C VAL B 172 -49.03 -26.71 3.34
N ARG B 173 -49.81 -26.93 4.39
CA ARG B 173 -49.35 -26.81 5.78
C ARG B 173 -49.41 -28.16 6.49
N VAL B 174 -48.27 -28.62 7.01
CA VAL B 174 -48.20 -29.90 7.70
C VAL B 174 -47.54 -29.72 9.06
N PRO B 175 -48.33 -29.72 10.14
CA PRO B 175 -47.70 -29.56 11.44
C PRO B 175 -46.78 -30.74 11.77
N VAL B 176 -45.72 -30.48 12.52
CA VAL B 176 -44.79 -31.51 12.94
C VAL B 176 -44.39 -31.21 14.37
N ILE B 177 -44.55 -32.20 15.26
CA ILE B 177 -44.22 -32.03 16.67
C ILE B 177 -43.22 -33.09 17.14
N GLY B 178 -42.82 -32.99 18.40
CA GLY B 178 -41.90 -33.95 19.02
C GLY B 178 -40.46 -33.53 19.06
N GLY B 179 -39.60 -34.32 18.42
CA GLY B 179 -38.17 -34.07 18.35
C GLY B 179 -37.69 -33.94 16.92
N HIS B 180 -36.38 -33.95 16.74
CA HIS B 180 -35.81 -33.75 15.42
C HIS B 180 -35.03 -34.94 14.84
N SER B 181 -35.20 -36.14 15.42
CA SER B 181 -34.51 -37.32 14.88
C SER B 181 -35.27 -38.63 15.06
N GLY B 182 -35.20 -39.46 14.03
CA GLY B 182 -35.83 -40.78 14.04
C GLY B 182 -37.30 -40.78 14.40
N VAL B 183 -37.66 -41.67 15.32
CA VAL B 183 -39.03 -41.84 15.76
C VAL B 183 -39.58 -40.67 16.57
N THR B 184 -38.75 -39.69 16.89
CA THR B 184 -39.21 -38.53 17.66
C THR B 184 -39.86 -37.51 16.73
N ILE B 185 -39.60 -37.61 15.43
CA ILE B 185 -40.20 -36.68 14.46
C ILE B 185 -41.64 -37.13 14.16
N LEU B 186 -42.61 -36.40 14.67
CA LEU B 186 -44.01 -36.76 14.50
C LEU B 186 -44.83 -35.78 13.63
N PRO B 187 -44.95 -36.08 12.32
CA PRO B 187 -45.73 -35.21 11.44
C PRO B 187 -47.21 -35.45 11.68
N LEU B 188 -47.97 -34.39 11.89
CA LEU B 188 -49.40 -34.52 12.14
C LEU B 188 -50.21 -34.48 10.85
N LEU B 189 -50.14 -35.59 10.11
CA LEU B 189 -50.85 -35.72 8.84
C LEU B 189 -52.37 -35.64 9.03
N SER B 190 -52.85 -35.98 10.22
CA SER B 190 -54.28 -35.93 10.51
C SER B 190 -54.79 -34.50 10.50
N GLN B 191 -53.90 -33.55 10.72
CA GLN B 191 -54.26 -32.12 10.75
C GLN B 191 -54.11 -31.38 9.43
N VAL B 192 -53.72 -32.08 8.37
CA VAL B 192 -53.55 -31.42 7.07
C VAL B 192 -54.91 -30.99 6.51
N GLU B 193 -55.06 -29.69 6.29
CA GLU B 193 -56.29 -29.10 5.79
C GLU B 193 -56.69 -29.62 4.40
N GLY B 194 -57.94 -30.07 4.28
CA GLY B 194 -58.50 -30.55 3.02
C GLY B 194 -58.01 -31.88 2.47
N VAL B 195 -56.94 -32.44 3.04
CA VAL B 195 -56.40 -33.70 2.56
C VAL B 195 -56.77 -34.88 3.46
N GLU B 196 -56.85 -36.06 2.84
CA GLU B 196 -57.17 -37.30 3.53
C GLU B 196 -56.15 -38.34 3.10
N PHE B 197 -55.65 -39.12 4.05
CA PHE B 197 -54.65 -40.15 3.75
C PHE B 197 -55.12 -41.54 4.14
N SER B 198 -54.71 -42.53 3.37
CA SER B 198 -55.03 -43.91 3.68
C SER B 198 -54.00 -44.36 4.72
N ASP B 199 -54.21 -45.51 5.34
CA ASP B 199 -53.30 -46.02 6.35
C ASP B 199 -51.88 -46.19 5.80
N GLU B 200 -51.75 -46.79 4.61
CA GLU B 200 -50.41 -46.99 4.04
C GLU B 200 -49.75 -45.68 3.66
N GLU B 201 -50.54 -44.68 3.28
CA GLU B 201 -49.98 -43.37 2.96
C GLU B 201 -49.43 -42.72 4.24
N ILE B 202 -50.13 -42.92 5.37
CA ILE B 202 -49.71 -42.39 6.66
C ILE B 202 -48.37 -43.02 7.06
N ALA B 203 -48.32 -44.34 6.93
CA ALA B 203 -47.12 -45.10 7.27
C ALA B 203 -45.95 -44.73 6.37
N ALA B 204 -46.19 -44.70 5.07
CA ALA B 204 -45.15 -44.37 4.08
C ALA B 204 -44.60 -42.94 4.29
N LEU B 205 -45.50 -41.96 4.38
CA LEU B 205 -45.07 -40.57 4.58
C LEU B 205 -44.33 -40.39 5.90
N THR B 206 -44.87 -40.93 6.99
CA THR B 206 -44.23 -40.80 8.29
C THR B 206 -42.82 -41.35 8.24
N LYS B 207 -42.66 -42.54 7.65
CA LYS B 207 -41.36 -43.19 7.55
C LYS B 207 -40.38 -42.37 6.72
N ARG B 208 -40.83 -41.86 5.58
CA ARG B 208 -39.95 -41.08 4.71
C ARG B 208 -39.52 -39.78 5.38
N ILE B 209 -40.45 -39.12 6.08
CA ILE B 209 -40.13 -37.88 6.77
C ILE B 209 -39.09 -38.14 7.86
N GLN B 210 -39.24 -39.24 8.59
CA GLN B 210 -38.32 -39.61 9.66
C GLN B 210 -36.95 -40.04 9.16
N ASN B 211 -36.85 -40.50 7.93
CA ASN B 211 -35.58 -40.97 7.37
C ASN B 211 -35.10 -40.12 6.19
N ALA B 212 -35.73 -38.96 5.98
CA ALA B 212 -35.39 -38.09 4.86
C ALA B 212 -33.90 -37.75 4.78
N GLY B 213 -33.25 -37.56 5.93
CA GLY B 213 -31.84 -37.25 5.96
C GLY B 213 -30.99 -38.34 5.33
N THR B 214 -31.33 -39.60 5.62
CA THR B 214 -30.61 -40.76 5.08
C THR B 214 -30.74 -40.82 3.57
N GLU B 215 -31.93 -40.48 3.09
CA GLU B 215 -32.23 -40.47 1.67
C GLU B 215 -31.26 -39.60 0.88
N VAL B 216 -30.96 -38.43 1.41
CA VAL B 216 -30.03 -37.51 0.76
C VAL B 216 -28.60 -38.04 0.84
N VAL B 217 -28.19 -38.51 2.02
CA VAL B 217 -26.85 -39.06 2.19
C VAL B 217 -26.57 -40.18 1.20
N GLU B 218 -27.54 -41.09 1.04
CA GLU B 218 -27.39 -42.20 0.13
C GLU B 218 -27.29 -41.72 -1.32
N ALA B 219 -28.08 -40.72 -1.69
CA ALA B 219 -28.04 -40.18 -3.06
C ALA B 219 -26.67 -39.56 -3.35
N LYS B 220 -25.99 -39.10 -2.30
CA LYS B 220 -24.65 -38.51 -2.47
C LYS B 220 -23.59 -39.59 -2.39
N ALA B 221 -24.00 -40.86 -2.41
CA ALA B 221 -23.08 -41.99 -2.33
C ALA B 221 -22.16 -41.82 -1.10
N GLY B 222 -22.76 -41.36 0.00
CA GLY B 222 -22.04 -41.16 1.26
C GLY B 222 -21.14 -39.93 1.33
N GLY B 223 -20.99 -39.21 0.22
CA GLY B 223 -20.12 -38.04 0.18
C GLY B 223 -20.64 -36.72 0.70
N GLY B 224 -21.76 -36.72 1.42
CA GLY B 224 -22.32 -35.48 1.95
C GLY B 224 -23.66 -35.66 2.63
N SER B 225 -24.28 -34.54 2.99
CA SER B 225 -25.58 -34.55 3.66
C SER B 225 -26.48 -33.44 3.12
N ALA B 226 -27.67 -33.31 3.68
CA ALA B 226 -28.60 -32.29 3.24
C ALA B 226 -28.14 -30.92 3.76
N THR B 227 -27.56 -30.12 2.87
CA THR B 227 -27.04 -28.81 3.23
C THR B 227 -27.90 -27.64 2.70
N LEU B 228 -28.30 -27.73 1.43
CA LEU B 228 -29.09 -26.66 0.80
C LEU B 228 -30.50 -26.57 1.38
N SER B 229 -31.17 -27.71 1.52
CA SER B 229 -32.51 -27.71 2.08
C SER B 229 -32.47 -27.31 3.55
N GLY B 231 -30.32 -25.14 4.72
CA GLY B 231 -30.11 -23.71 4.68
C GLY B 231 -31.45 -23.02 4.46
N GLN B 232 -32.25 -23.62 3.57
CA GLN B 232 -33.58 -23.14 3.24
C GLN B 232 -34.45 -23.10 4.49
N ALA B 233 -34.46 -24.21 5.21
CA ALA B 233 -35.27 -24.34 6.43
C ALA B 233 -34.83 -23.36 7.50
N ALA B 234 -33.52 -23.26 7.73
CA ALA B 234 -33.01 -22.33 8.74
C ALA B 234 -33.30 -20.87 8.34
N CYS B 235 -33.31 -20.58 7.05
CA CYS B 235 -33.60 -19.22 6.59
C CYS B 235 -35.03 -18.91 6.94
N ARG B 236 -35.92 -19.84 6.60
CA ARG B 236 -37.33 -19.68 6.91
C ARG B 236 -37.52 -19.42 8.41
N PHE B 237 -36.85 -20.19 9.26
CA PHE B 237 -37.02 -19.98 10.69
C PHE B 237 -36.43 -18.63 11.12
N GLY B 238 -35.26 -18.31 10.60
CA GLY B 238 -34.59 -17.06 10.91
C GLY B 238 -35.45 -15.87 10.56
N LEU B 239 -36.05 -15.89 9.37
CA LEU B 239 -36.89 -14.78 8.95
C LEU B 239 -38.12 -14.70 9.86
N ALA B 240 -38.63 -15.85 10.30
CA ALA B 240 -39.80 -15.86 11.19
C ALA B 240 -39.45 -15.14 12.49
N LEU B 241 -38.27 -15.42 13.04
CA LEU B 241 -37.83 -14.76 14.27
C LEU B 241 -37.70 -13.25 14.07
N VAL B 242 -37.04 -12.86 12.99
CA VAL B 242 -36.86 -11.44 12.68
C VAL B 242 -38.20 -10.71 12.49
N LYS B 243 -39.16 -11.32 11.80
N LYS B 243 -39.15 -11.34 11.82
CA LYS B 243 -40.47 -10.68 11.61
CA LYS B 243 -40.45 -10.75 11.60
C LYS B 243 -41.14 -10.51 12.98
C LYS B 243 -41.18 -10.55 12.93
N ALA B 244 -40.99 -11.51 13.83
CA ALA B 244 -41.60 -11.46 15.16
C ALA B 244 -40.96 -10.37 15.99
N LEU B 245 -39.63 -10.29 15.97
CA LEU B 245 -38.94 -9.26 16.72
C LEU B 245 -39.34 -7.87 16.24
N GLN B 246 -39.64 -7.74 14.96
CA GLN B 246 -40.05 -6.44 14.40
C GLN B 246 -41.51 -6.05 14.67
N GLY B 247 -42.29 -6.93 15.32
CA GLY B 247 -43.68 -6.60 15.66
C GLY B 247 -44.83 -7.38 15.04
N GLU B 248 -44.54 -8.26 14.08
CA GLU B 248 -45.60 -9.02 13.44
C GLU B 248 -45.82 -10.35 14.14
N GLU B 249 -47.07 -10.74 14.28
CA GLU B 249 -47.41 -12.01 14.91
C GLU B 249 -47.06 -13.12 13.93
N VAL B 250 -46.29 -14.09 14.41
CA VAL B 250 -45.86 -15.21 13.60
C VAL B 250 -46.05 -16.50 14.39
N ILE B 251 -46.57 -17.52 13.73
CA ILE B 251 -46.77 -18.83 14.34
C ILE B 251 -45.81 -19.77 13.64
N GLU B 252 -44.99 -20.47 14.39
CA GLU B 252 -44.01 -21.37 13.81
C GLU B 252 -43.85 -22.62 14.67
N TYR B 253 -43.35 -23.69 14.06
CA TYR B 253 -43.10 -24.94 14.76
C TYR B 253 -41.62 -25.05 15.14
N ALA B 254 -41.37 -25.33 16.41
CA ALA B 254 -39.99 -25.44 16.89
C ALA B 254 -39.90 -26.19 18.21
N TYR B 255 -38.69 -26.69 18.47
CA TYR B 255 -38.36 -27.45 19.67
C TYR B 255 -38.03 -26.44 20.76
N VAL B 256 -38.94 -26.29 21.71
CA VAL B 256 -38.80 -25.33 22.79
C VAL B 256 -39.11 -25.90 24.16
N GLU B 257 -38.78 -25.14 25.20
CA GLU B 257 -39.06 -25.54 26.57
C GLU B 257 -40.45 -25.00 26.87
N GLY B 258 -41.44 -25.87 26.68
CA GLY B 258 -42.83 -25.50 26.89
C GLY B 258 -43.35 -25.86 28.27
N ASN B 259 -44.63 -26.21 28.31
CA ASN B 259 -45.32 -26.54 29.55
C ASN B 259 -44.87 -27.90 30.12
N GLY B 260 -44.21 -28.70 29.29
CA GLY B 260 -43.66 -29.99 29.71
C GLY B 260 -44.61 -31.13 30.04
N GLU B 261 -45.63 -31.34 29.21
CA GLU B 261 -46.57 -32.44 29.47
C GLU B 261 -45.97 -33.76 29.02
N HIS B 262 -45.06 -33.71 28.04
CA HIS B 262 -44.45 -34.93 27.52
C HIS B 262 -42.94 -34.98 27.75
N ALA B 263 -42.28 -33.83 27.60
CA ALA B 263 -40.85 -33.75 27.79
C ALA B 263 -40.47 -32.30 28.11
N SER B 264 -39.39 -32.10 28.84
CA SER B 264 -38.97 -30.74 29.20
C SER B 264 -38.90 -29.90 27.92
N PHE B 265 -38.35 -30.47 26.85
CA PHE B 265 -38.29 -29.83 25.53
C PHE B 265 -39.13 -30.66 24.57
N PHE B 266 -39.94 -29.98 23.76
CA PHE B 266 -40.82 -30.66 22.83
C PHE B 266 -41.18 -29.68 21.71
N ALA B 267 -41.22 -30.18 20.47
CA ALA B 267 -41.56 -29.36 19.31
C ALA B 267 -43.07 -29.26 19.14
N GLN B 268 -43.56 -28.02 19.01
CA GLN B 268 -44.98 -27.75 18.83
C GLN B 268 -45.14 -26.33 18.30
N PRO B 269 -46.38 -25.93 17.97
CA PRO B 269 -46.52 -24.57 17.44
C PRO B 269 -46.35 -23.52 18.52
N VAL B 270 -45.75 -22.39 18.14
CA VAL B 270 -45.54 -21.29 19.08
C VAL B 270 -45.85 -19.98 18.39
N LYS B 271 -46.42 -19.05 19.16
CA LYS B 271 -46.71 -17.72 18.66
C LYS B 271 -45.45 -16.94 19.02
N LEU B 272 -44.79 -16.39 18.01
CA LEU B 272 -43.57 -15.63 18.24
C LEU B 272 -43.91 -14.15 18.36
N GLY B 273 -43.09 -13.43 19.13
CA GLY B 273 -43.30 -11.99 19.35
C GLY B 273 -41.99 -11.28 19.59
N LYS B 274 -42.07 -10.07 20.14
CA LYS B 274 -40.89 -9.26 20.40
C LYS B 274 -39.91 -9.81 21.43
N GLU B 275 -40.33 -10.79 22.23
CA GLU B 275 -39.47 -11.39 23.25
C GLU B 275 -39.15 -12.84 22.92
N GLY B 276 -39.51 -13.26 21.71
CA GLY B 276 -39.31 -14.64 21.28
C GLY B 276 -40.64 -15.35 21.43
N VAL B 277 -40.67 -16.45 22.18
CA VAL B 277 -41.92 -17.15 22.38
C VAL B 277 -42.88 -16.27 23.16
N GLU B 278 -44.01 -15.96 22.54
N GLU B 278 -44.02 -15.94 22.55
CA GLU B 278 -45.04 -15.14 23.19
CA GLU B 278 -45.03 -15.13 23.21
C GLU B 278 -46.03 -16.06 23.87
C GLU B 278 -46.03 -16.07 23.88
N GLU B 279 -46.28 -17.22 23.26
CA GLU B 279 -47.21 -18.18 23.82
C GLU B 279 -47.00 -19.58 23.24
N ILE B 280 -46.97 -20.58 24.12
CA ILE B 280 -46.83 -21.96 23.70
C ILE B 280 -48.21 -22.44 23.30
N LEU B 281 -48.38 -22.80 22.03
CA LEU B 281 -49.69 -23.23 21.55
C LEU B 281 -49.86 -24.75 21.56
N PRO B 282 -50.99 -25.24 22.08
CA PRO B 282 -51.27 -26.69 22.10
C PRO B 282 -51.28 -27.23 20.67
N TYR B 283 -50.77 -28.43 20.46
CA TYR B 283 -50.69 -28.99 19.11
C TYR B 283 -52.01 -29.44 18.49
N GLY B 284 -53.06 -29.56 19.30
CA GLY B 284 -54.38 -29.97 18.79
C GLY B 284 -54.70 -31.44 18.92
N GLU B 285 -55.77 -31.85 18.24
CA GLU B 285 -56.20 -33.25 18.28
C GLU B 285 -55.27 -34.15 17.46
N LEU B 286 -55.01 -35.34 18.01
CA LEU B 286 -54.16 -36.33 17.37
C LEU B 286 -55.01 -37.55 17.05
N SER B 287 -54.68 -38.24 15.96
CA SER B 287 -55.37 -39.46 15.60
C SER B 287 -54.83 -40.55 16.51
N ASP B 288 -55.35 -41.76 16.41
CA ASP B 288 -54.85 -42.85 17.25
C ASP B 288 -53.41 -43.19 16.85
N PHE B 289 -53.13 -43.12 15.55
CA PHE B 289 -51.79 -43.44 15.04
C PHE B 289 -50.76 -42.46 15.61
N GLU B 290 -51.15 -41.20 15.69
CA GLU B 290 -50.27 -40.15 16.20
C GLU B 290 -50.08 -40.25 17.71
N LYS B 291 -51.14 -40.58 18.46
CA LYS B 291 -51.04 -40.73 19.91
C LYS B 291 -50.15 -41.93 20.26
N ALA B 292 -50.27 -43.00 19.48
CA ALA B 292 -49.47 -44.20 19.69
C ALA B 292 -48.02 -43.88 19.35
N ALA B 293 -47.82 -43.10 18.30
CA ALA B 293 -46.48 -42.72 17.86
C ALA B 293 -45.81 -41.86 18.93
N LEU B 294 -46.56 -40.93 19.50
CA LEU B 294 -46.04 -40.05 20.54
C LEU B 294 -45.63 -40.85 21.77
N ASP B 295 -46.54 -41.65 22.33
CA ASP B 295 -46.23 -42.46 23.52
C ASP B 295 -45.05 -43.39 23.28
N GLY B 296 -44.89 -43.84 22.04
CA GLY B 296 -43.80 -44.75 21.69
C GLY B 296 -42.43 -44.14 21.52
N LEU B 298 -41.48 -41.16 23.47
CA LEU B 298 -41.18 -40.32 24.64
C LEU B 298 -39.97 -40.77 25.45
N GLU B 299 -39.74 -42.08 25.55
CA GLU B 299 -38.60 -42.59 26.29
C GLU B 299 -37.33 -42.13 25.59
N THR B 300 -37.33 -42.21 24.26
CA THR B 300 -36.18 -41.79 23.46
C THR B 300 -35.94 -40.29 23.55
N LEU B 301 -37.01 -39.51 23.46
CA LEU B 301 -36.90 -38.07 23.53
C LEU B 301 -36.37 -37.65 24.90
N ASN B 302 -37.00 -38.12 25.97
CA ASN B 302 -36.54 -37.78 27.31
C ASN B 302 -35.08 -38.21 27.58
N SER B 303 -34.64 -39.28 26.91
N SER B 303 -34.65 -39.28 26.91
CA SER B 303 -33.27 -39.75 27.07
CA SER B 303 -33.29 -39.77 27.05
C SER B 303 -32.32 -38.77 26.41
C SER B 303 -32.32 -38.78 26.40
N ASP B 304 -32.66 -38.35 25.19
CA ASP B 304 -31.83 -37.39 24.44
C ASP B 304 -31.65 -36.10 25.24
N ILE B 305 -32.70 -35.69 25.93
CA ILE B 305 -32.67 -34.49 26.74
C ILE B 305 -31.78 -34.67 27.97
N GLN B 306 -31.93 -35.80 28.65
CA GLN B 306 -31.13 -36.09 29.85
C GLN B 306 -29.65 -36.10 29.52
N ILE B 307 -29.31 -36.67 28.35
CA ILE B 307 -27.92 -36.74 27.90
C ILE B 307 -27.33 -35.33 27.83
N GLY B 308 -28.15 -34.35 27.42
CA GLY B 308 -27.71 -32.96 27.32
C GLY B 308 -27.56 -32.30 28.67
N VAL B 309 -28.49 -32.59 29.57
CA VAL B 309 -28.46 -32.03 30.91
C VAL B 309 -27.23 -32.57 31.63
N ASP B 310 -27.03 -33.88 31.53
CA ASP B 310 -25.88 -34.54 32.16
C ASP B 310 -24.54 -34.06 31.62
N PHE B 311 -24.52 -33.68 30.35
CA PHE B 311 -23.30 -33.19 29.72
C PHE B 311 -22.83 -31.90 30.38
N VAL B 312 -23.78 -31.05 30.77
CA VAL B 312 -23.44 -29.79 31.44
C VAL B 312 -23.65 -29.98 32.94
N ALA C 3 32.29 -0.59 -5.03
CA ALA C 3 31.49 -1.84 -4.88
C ALA C 3 30.31 -1.63 -3.94
N LYS C 5 27.02 0.81 -2.88
CA LYS C 5 26.10 1.83 -3.40
C LYS C 5 25.27 2.46 -2.29
N VAL C 6 25.27 3.78 -2.23
CA VAL C 6 24.53 4.52 -1.21
C VAL C 6 23.44 5.36 -1.84
N ALA C 7 22.21 5.15 -1.38
CA ALA C 7 21.08 5.92 -1.89
C ALA C 7 20.66 6.95 -0.86
N VAL C 8 20.45 8.19 -1.32
CA VAL C 8 20.00 9.29 -0.47
C VAL C 8 18.61 9.69 -0.96
N ILE C 9 17.60 9.44 -0.13
CA ILE C 9 16.22 9.75 -0.49
C ILE C 9 15.87 11.08 0.16
N GLY C 10 15.46 12.05 -0.65
CA GLY C 10 15.15 13.40 -0.19
C GLY C 10 16.38 14.27 -0.42
N ALA C 11 17.11 13.93 -1.49
CA ALA C 11 18.38 14.59 -1.85
C ALA C 11 18.33 16.05 -2.31
N ALA C 12 17.14 16.56 -2.63
CA ALA C 12 17.01 17.94 -3.11
C ALA C 12 16.83 18.94 -1.97
N GLY C 13 16.49 18.45 -0.78
CA GLY C 13 16.29 19.32 0.37
C GLY C 13 17.60 19.79 0.98
N GLY C 14 17.49 20.64 2.01
CA GLY C 14 18.65 21.16 2.70
C GLY C 14 19.52 20.07 3.29
N ILE C 15 18.91 19.16 4.04
CA ILE C 15 19.65 18.07 4.65
C ILE C 15 20.30 17.22 3.55
N GLY C 16 19.50 16.83 2.57
CA GLY C 16 19.93 16.00 1.45
C GLY C 16 21.10 16.49 0.63
N GLN C 17 21.11 17.78 0.27
CA GLN C 17 22.21 18.30 -0.52
C GLN C 17 23.50 18.38 0.29
N ALA C 18 23.38 18.66 1.58
CA ALA C 18 24.55 18.73 2.43
C ALA C 18 25.12 17.32 2.58
N LEU C 19 24.24 16.34 2.79
CA LEU C 19 24.63 14.94 2.92
C LEU C 19 25.27 14.46 1.61
N ALA C 20 24.66 14.79 0.48
CA ALA C 20 25.19 14.37 -0.82
C ALA C 20 26.59 14.95 -1.07
N LEU C 21 26.76 16.24 -0.77
CA LEU C 21 28.05 16.88 -0.94
C LEU C 21 29.16 16.20 -0.12
N LEU C 22 28.89 15.96 1.16
CA LEU C 22 29.88 15.33 2.03
C LEU C 22 30.19 13.87 1.62
N LEU C 23 29.17 13.13 1.21
CA LEU C 23 29.36 11.74 0.75
C LEU C 23 30.16 11.70 -0.56
N LYS C 24 29.91 12.65 -1.46
CA LYS C 24 30.64 12.70 -2.72
C LYS C 24 32.13 12.87 -2.40
N ASN C 25 32.40 13.66 -1.38
CA ASN C 25 33.77 13.92 -0.91
C ASN C 25 34.39 12.84 -0.04
N ARG C 26 33.60 12.17 0.80
CA ARG C 26 34.17 11.20 1.74
C ARG C 26 33.95 9.70 1.50
N LEU C 27 33.04 9.31 0.60
CA LEU C 27 32.83 7.90 0.32
C LEU C 27 34.12 7.28 -0.23
N PRO C 28 34.41 6.01 0.11
CA PRO C 28 35.63 5.37 -0.39
C PRO C 28 35.66 5.32 -1.91
N ALA C 29 36.86 5.36 -2.48
CA ALA C 29 37.02 5.33 -3.92
C ALA C 29 36.36 4.08 -4.47
N GLY C 30 35.54 4.25 -5.51
CA GLY C 30 34.84 3.15 -6.15
C GLY C 30 33.37 3.14 -5.80
N SER C 31 33.00 3.91 -4.77
CA SER C 31 31.61 3.97 -4.32
C SER C 31 30.68 4.57 -5.35
N ASP C 32 29.41 4.19 -5.25
CA ASP C 32 28.36 4.71 -6.14
C ASP C 32 27.36 5.43 -5.24
N LEU C 33 26.94 6.63 -5.65
CA LEU C 33 25.99 7.43 -4.90
C LEU C 33 24.76 7.70 -5.77
N ALA C 34 23.57 7.36 -5.26
CA ALA C 34 22.33 7.59 -6.02
C ALA C 34 21.48 8.58 -5.26
N LEU C 35 21.04 9.64 -5.95
CA LEU C 35 20.22 10.66 -5.35
C LEU C 35 18.80 10.57 -5.88
N TYR C 36 17.84 10.64 -4.96
CA TYR C 36 16.43 10.62 -5.32
C TYR C 36 15.60 11.61 -4.51
N ASP C 37 14.68 12.28 -5.18
CA ASP C 37 13.77 13.20 -4.54
C ASP C 37 12.67 13.47 -5.56
N ILE C 38 11.46 13.70 -5.08
CA ILE C 38 10.34 13.97 -5.97
C ILE C 38 10.54 15.32 -6.68
N ALA C 39 11.34 16.20 -6.10
CA ALA C 39 11.63 17.50 -6.69
C ALA C 39 12.31 17.29 -8.05
N PRO C 40 11.85 18.02 -9.08
CA PRO C 40 12.43 17.82 -10.42
C PRO C 40 13.89 18.26 -10.60
N VAL C 41 14.44 18.98 -9.63
CA VAL C 41 15.82 19.45 -9.71
C VAL C 41 16.87 18.39 -9.41
N THR C 42 16.44 17.28 -8.82
CA THR C 42 17.35 16.23 -8.36
C THR C 42 18.40 15.73 -9.36
N PRO C 43 18.02 15.45 -10.62
CA PRO C 43 19.05 15.00 -11.54
C PRO C 43 20.18 16.02 -11.69
N GLY C 44 19.85 17.30 -11.54
CA GLY C 44 20.84 18.37 -11.65
C GLY C 44 21.68 18.53 -10.40
N VAL C 45 21.16 18.05 -9.27
CA VAL C 45 21.93 18.10 -8.03
C VAL C 45 23.05 17.07 -8.22
N ALA C 46 22.73 15.96 -8.85
CA ALA C 46 23.73 14.92 -9.13
C ALA C 46 24.77 15.43 -10.13
N ALA C 47 24.31 16.04 -11.21
CA ALA C 47 25.21 16.58 -12.24
C ALA C 47 26.17 17.60 -11.61
N ASP C 48 25.61 18.47 -10.78
CA ASP C 48 26.36 19.49 -10.07
C ASP C 48 27.53 18.81 -9.31
N LEU C 49 27.19 17.85 -8.46
CA LEU C 49 28.18 17.12 -7.67
C LEU C 49 29.12 16.27 -8.51
N SER C 50 28.67 15.83 -9.68
CA SER C 50 29.47 14.99 -10.55
C SER C 50 30.72 15.71 -11.04
N HIS C 51 30.73 17.04 -10.99
CA HIS C 51 31.91 17.78 -11.46
C HIS C 51 33.03 17.89 -10.43
N ILE C 52 32.79 17.38 -9.22
CA ILE C 52 33.78 17.38 -8.16
C ILE C 52 34.69 16.19 -8.43
N PRO C 53 36.02 16.41 -8.47
CA PRO C 53 36.95 15.32 -8.79
C PRO C 53 37.29 14.32 -7.67
N THR C 54 36.34 13.47 -7.33
CA THR C 54 36.54 12.42 -6.33
C THR C 54 36.17 11.10 -7.01
N HIS C 55 36.79 10.02 -6.58
CA HIS C 55 36.56 8.71 -7.19
C HIS C 55 35.27 8.10 -6.66
N VAL C 56 34.16 8.81 -6.87
CA VAL C 56 32.84 8.39 -6.44
C VAL C 56 31.83 8.70 -7.55
N SER C 57 31.21 7.68 -8.12
CA SER C 57 30.24 7.89 -9.20
C SER C 57 28.92 8.36 -8.62
N ILE C 58 28.18 9.17 -9.36
CA ILE C 58 26.91 9.68 -8.87
C ILE C 58 25.84 9.84 -9.97
N LYS C 59 24.59 9.60 -9.58
CA LYS C 59 23.44 9.73 -10.48
C LYS C 59 22.26 10.32 -9.68
N GLY C 60 21.36 11.00 -10.38
CA GLY C 60 20.22 11.64 -9.73
C GLY C 60 18.90 11.33 -10.43
N TYR C 61 17.86 11.09 -9.64
CA TYR C 61 16.56 10.75 -10.18
C TYR C 61 15.42 11.54 -9.54
N ALA C 62 14.39 11.83 -10.35
CA ALA C 62 13.21 12.57 -9.90
C ALA C 62 11.99 11.70 -10.17
N GLY C 63 10.81 12.29 -10.18
CA GLY C 63 9.59 11.54 -10.44
C GLY C 63 9.05 10.90 -9.18
N GLU C 64 7.97 10.12 -9.34
CA GLU C 64 7.29 9.45 -8.23
C GLU C 64 7.87 8.10 -7.83
N ASP C 65 8.78 7.56 -8.63
CA ASP C 65 9.35 6.23 -8.37
C ASP C 65 10.84 6.28 -8.04
N PRO C 66 11.22 5.90 -6.81
CA PRO C 66 12.62 5.89 -6.37
C PRO C 66 13.39 4.61 -6.69
N THR C 67 12.73 3.62 -7.28
CA THR C 67 13.35 2.34 -7.61
C THR C 67 14.78 2.42 -8.19
N PRO C 68 15.01 3.31 -9.17
CA PRO C 68 16.36 3.42 -9.74
C PRO C 68 17.46 3.71 -8.71
N ALA C 69 17.15 4.46 -7.66
CA ALA C 69 18.12 4.78 -6.61
C ALA C 69 18.25 3.62 -5.62
N LEU C 70 17.14 2.96 -5.34
CA LEU C 70 17.10 1.85 -4.40
C LEU C 70 17.70 0.56 -4.97
N GLU C 71 17.51 0.36 -6.29
CA GLU C 71 18.01 -0.80 -7.01
C GLU C 71 19.48 -1.07 -6.65
N GLY C 72 19.75 -2.22 -6.03
CA GLY C 72 21.12 -2.60 -5.66
C GLY C 72 21.76 -1.76 -4.56
N ALA C 73 20.93 -1.01 -3.83
CA ALA C 73 21.42 -0.17 -2.74
C ALA C 73 21.87 -0.98 -1.53
N ASP C 74 23.05 -0.66 -1.02
CA ASP C 74 23.59 -1.31 0.17
C ASP C 74 23.19 -0.50 1.40
N VAL C 75 23.20 0.82 1.24
CA VAL C 75 22.83 1.75 2.30
C VAL C 75 21.81 2.74 1.73
N VAL C 76 20.70 2.91 2.45
CA VAL C 76 19.64 3.82 2.05
C VAL C 76 19.41 4.81 3.20
N LEU C 77 19.70 6.09 2.94
CA LEU C 77 19.54 7.17 3.93
C LEU C 77 18.31 8.00 3.55
N ILE C 78 17.31 7.96 4.43
CA ILE C 78 16.07 8.64 4.17
C ILE C 78 15.94 9.97 4.89
N SER C 79 15.94 11.05 4.11
N SER C 79 15.95 11.06 4.12
CA SER C 79 15.82 12.41 4.65
CA SER C 79 15.81 12.40 4.68
C SER C 79 14.65 13.15 4.02
C SER C 79 14.65 13.14 4.01
N ALA C 80 13.70 12.41 3.44
CA ALA C 80 12.54 13.03 2.79
C ALA C 80 11.59 13.60 3.84
N GLY C 81 10.60 14.37 3.41
CA GLY C 81 9.65 14.98 4.32
C GLY C 81 10.12 16.38 4.69
N VAL C 82 9.51 16.96 5.72
CA VAL C 82 9.87 18.32 6.15
C VAL C 82 10.01 18.43 7.67
N ALA C 83 10.67 19.50 8.12
CA ALA C 83 10.88 19.75 9.54
C ALA C 83 10.01 20.90 10.04
N ALA C 91 0.47 17.62 13.84
CA ALA C 91 -0.47 16.63 13.32
C ALA C 91 -0.44 16.62 11.80
N ASP C 92 -0.64 17.78 11.20
CA ASP C 92 -0.63 17.95 9.75
C ASP C 92 0.67 17.39 9.20
N LEU C 93 1.77 17.91 9.73
CA LEU C 93 3.13 17.54 9.34
C LEU C 93 3.47 16.09 9.66
N PHE C 94 2.99 15.57 10.78
CA PHE C 94 3.28 14.18 11.14
C PHE C 94 2.76 13.19 10.10
N ASN C 95 1.49 13.34 9.69
CA ASN C 95 0.92 12.44 8.69
C ASN C 95 1.71 12.46 7.39
N VAL C 96 2.07 13.66 6.94
CA VAL C 96 2.83 13.81 5.71
C VAL C 96 4.11 12.99 5.80
N ASN C 97 4.93 13.25 6.83
CA ASN C 97 6.19 12.52 7.00
C ASN C 97 5.97 11.03 7.28
N ALA C 98 4.93 10.70 8.04
CA ALA C 98 4.64 9.31 8.33
C ALA C 98 4.31 8.59 7.01
N GLY C 99 3.54 9.25 6.15
CA GLY C 99 3.18 8.68 4.86
C GLY C 99 4.40 8.44 3.98
N ILE C 100 5.27 9.43 3.90
CA ILE C 100 6.49 9.32 3.09
C ILE C 100 7.30 8.10 3.51
N VAL C 101 7.54 7.96 4.81
CA VAL C 101 8.32 6.85 5.32
C VAL C 101 7.66 5.52 5.02
N LYS C 102 6.35 5.42 5.27
CA LYS C 102 5.60 4.20 4.99
C LYS C 102 5.77 3.79 3.51
N SER C 103 5.53 4.74 2.60
CA SER C 103 5.66 4.50 1.15
C SER C 103 7.06 4.02 0.78
N LEU C 104 8.06 4.75 1.23
CA LEU C 104 9.44 4.38 0.95
C LEU C 104 9.76 2.97 1.45
N ALA C 105 9.31 2.64 2.66
CA ALA C 105 9.57 1.32 3.25
C ALA C 105 8.92 0.23 2.41
N GLU C 106 7.72 0.49 1.90
CA GLU C 106 7.01 -0.48 1.06
C GLU C 106 7.81 -0.82 -0.20
N ARG C 107 8.43 0.19 -0.80
N ARG C 107 8.42 0.18 -0.84
CA ARG C 107 9.23 -0.01 -2.00
CA ARG C 107 9.23 -0.10 -2.03
C ARG C 107 10.57 -0.67 -1.68
C ARG C 107 10.57 -0.73 -1.66
N ILE C 108 11.13 -0.35 -0.52
CA ILE C 108 12.39 -0.94 -0.08
C ILE C 108 12.20 -2.44 0.12
N ALA C 109 11.04 -2.82 0.66
CA ALA C 109 10.71 -4.20 0.90
C ALA C 109 10.76 -5.03 -0.38
N VAL C 110 10.49 -4.38 -1.52
CA VAL C 110 10.49 -5.06 -2.81
C VAL C 110 11.79 -4.91 -3.58
N VAL C 111 12.36 -3.71 -3.60
CA VAL C 111 13.57 -3.47 -4.39
C VAL C 111 14.91 -3.83 -3.74
N CYS C 112 15.10 -3.43 -2.48
CA CYS C 112 16.36 -3.69 -1.77
C CYS C 112 16.14 -4.00 -0.30
N PRO C 113 15.49 -5.15 -0.01
CA PRO C 113 15.19 -5.58 1.36
C PRO C 113 16.39 -5.93 2.24
N ASN C 114 17.58 -6.10 1.65
CA ASN C 114 18.77 -6.42 2.42
C ASN C 114 19.65 -5.19 2.65
N ALA C 115 19.13 -4.02 2.31
CA ALA C 115 19.88 -2.79 2.49
C ALA C 115 19.82 -2.32 3.95
N CYS C 116 20.88 -1.65 4.40
CA CYS C 116 20.87 -1.07 5.73
C CYS C 116 20.14 0.24 5.50
N ILE C 117 19.11 0.50 6.32
CA ILE C 117 18.32 1.70 6.20
C ILE C 117 18.53 2.65 7.37
N GLY C 118 18.94 3.88 7.06
CA GLY C 118 19.17 4.91 8.06
C GLY C 118 18.07 5.97 7.92
N ILE C 119 17.19 6.05 8.90
CA ILE C 119 16.10 7.02 8.84
C ILE C 119 16.44 8.32 9.56
N ILE C 120 16.38 9.41 8.81
CA ILE C 120 16.66 10.74 9.32
C ILE C 120 15.35 11.51 9.49
N THR C 121 14.39 11.23 8.61
CA THR C 121 13.08 11.86 8.65
C THR C 121 12.47 11.76 10.04
N ASN C 122 12.10 12.90 10.60
CA ASN C 122 11.51 12.97 11.93
C ASN C 122 9.99 12.89 11.92
N PRO C 123 9.37 12.53 13.06
CA PRO C 123 10.01 12.18 14.34
C PRO C 123 10.59 10.76 14.32
N VAL C 124 11.92 10.66 14.43
CA VAL C 124 12.62 9.38 14.37
C VAL C 124 12.09 8.31 15.34
N ASN C 125 11.75 8.71 16.55
CA ASN C 125 11.21 7.77 17.55
C ASN C 125 10.02 6.97 17.02
N THR C 126 9.26 7.59 16.13
CA THR C 126 8.07 7.00 15.55
C THR C 126 8.25 6.50 14.11
N THR C 127 9.02 7.19 13.29
CA THR C 127 9.20 6.79 11.89
C THR C 127 9.96 5.47 11.75
N VAL C 128 10.84 5.17 12.69
CA VAL C 128 11.58 3.91 12.64
C VAL C 128 10.59 2.76 12.83
N PRO C 129 9.77 2.82 13.89
CA PRO C 129 8.76 1.77 14.07
C PRO C 129 7.84 1.61 12.86
N ILE C 130 7.47 2.72 12.21
CA ILE C 130 6.63 2.68 11.00
C ILE C 130 7.31 1.83 9.94
N ALA C 131 8.58 2.12 9.66
CA ALA C 131 9.32 1.37 8.67
C ALA C 131 9.36 -0.10 9.07
N ALA C 132 9.60 -0.37 10.35
CA ALA C 132 9.67 -1.74 10.84
C ALA C 132 8.38 -2.50 10.59
N GLU C 133 7.25 -1.89 10.93
CA GLU C 133 5.95 -2.54 10.76
C GLU C 133 5.62 -2.76 9.28
N VAL C 134 6.04 -1.85 8.42
CA VAL C 134 5.81 -2.02 6.98
C VAL C 134 6.66 -3.19 6.45
N LEU C 135 7.89 -3.31 6.95
CA LEU C 135 8.79 -4.37 6.50
C LEU C 135 8.34 -5.73 7.02
N LYS C 136 7.78 -5.77 8.24
CA LYS C 136 7.28 -7.03 8.80
C LYS C 136 6.09 -7.53 7.99
N LYS C 137 5.20 -6.61 7.63
CA LYS C 137 4.01 -6.94 6.88
C LYS C 137 4.38 -7.52 5.51
N ALA C 138 5.52 -7.07 4.98
CA ALA C 138 6.02 -7.55 3.69
C ALA C 138 6.86 -8.82 3.87
N GLY C 139 7.02 -9.27 5.12
CA GLY C 139 7.78 -10.49 5.43
C GLY C 139 9.28 -10.42 5.21
N VAL C 140 9.84 -9.21 5.18
CA VAL C 140 11.27 -9.05 4.94
C VAL C 140 12.04 -8.32 6.05
N TYR C 141 11.37 -7.96 7.13
CA TYR C 141 12.03 -7.22 8.22
C TYR C 141 13.25 -7.88 8.86
N ASP C 142 14.36 -7.14 8.86
CA ASP C 142 15.61 -7.59 9.48
C ASP C 142 16.00 -6.47 10.43
N LYS C 143 15.81 -6.71 11.74
CA LYS C 143 16.09 -5.71 12.76
C LYS C 143 17.55 -5.23 12.79
N ARG C 144 18.45 -5.99 12.20
CA ARG C 144 19.87 -5.62 12.17
C ARG C 144 20.15 -4.53 11.14
N LYS C 145 19.17 -4.26 10.28
CA LYS C 145 19.36 -3.31 9.18
C LYS C 145 18.51 -2.02 9.19
N LEU C 146 17.77 -1.80 10.26
CA LEU C 146 16.95 -0.59 10.36
C LEU C 146 17.51 0.28 11.47
N PHE C 147 17.88 1.51 11.13
CA PHE C 147 18.46 2.42 12.11
C PHE C 147 17.82 3.82 12.10
N GLY C 148 17.63 4.36 13.30
CA GLY C 148 17.15 5.73 13.45
C GLY C 148 18.45 6.49 13.61
N VAL C 149 18.70 7.47 12.75
CA VAL C 149 19.95 8.23 12.79
C VAL C 149 19.92 9.27 13.91
N THR C 150 20.66 9.01 14.98
CA THR C 150 20.67 9.89 16.13
C THR C 150 21.97 10.65 16.27
N THR C 151 22.87 10.42 15.31
CA THR C 151 24.19 10.99 15.30
C THR C 151 24.26 12.51 15.56
N LEU C 152 23.25 13.28 15.15
CA LEU C 152 23.27 14.73 15.39
C LEU C 152 23.30 15.06 16.88
N ASP C 153 22.62 14.26 17.69
CA ASP C 153 22.62 14.46 19.15
C ASP C 153 24.02 14.21 19.69
N VAL C 154 24.74 13.28 19.07
CA VAL C 154 26.10 12.93 19.47
C VAL C 154 27.09 14.03 19.11
N ILE C 155 27.08 14.49 17.86
CA ILE C 155 28.03 15.53 17.47
C ILE C 155 27.74 16.86 18.21
N ARG C 156 26.47 17.15 18.47
CA ARG C 156 26.12 18.32 19.25
C ARG C 156 26.71 18.19 20.66
N SER C 157 26.54 17.00 21.25
CA SER C 157 27.06 16.74 22.58
C SER C 157 28.58 16.91 22.62
N GLU C 158 29.26 16.40 21.60
CA GLU C 158 30.70 16.54 21.48
C GLU C 158 31.10 18.02 21.43
N THR C 159 30.43 18.78 20.58
CA THR C 159 30.70 20.21 20.43
C THR C 159 30.49 20.98 21.73
N PHE C 160 29.35 20.75 22.39
CA PHE C 160 29.07 21.48 23.62
C PHE C 160 30.03 21.15 24.76
N VAL C 161 30.39 19.87 24.91
CA VAL C 161 31.33 19.48 25.97
C VAL C 161 32.71 20.05 25.65
N ALA C 162 33.12 19.99 24.38
CA ALA C 162 34.41 20.53 23.95
C ALA C 162 34.51 22.02 24.26
N GLU C 163 33.45 22.76 24.00
CA GLU C 163 33.37 24.20 24.24
C GLU C 163 33.46 24.50 25.74
N LEU C 164 32.67 23.79 26.54
CA LEU C 164 32.64 24.01 27.99
C LEU C 164 33.96 23.71 28.69
N LYS C 165 34.61 22.61 28.32
CA LYS C 165 35.85 22.21 28.98
C LYS C 165 37.15 22.56 28.26
N GLY C 166 37.06 23.40 27.22
CA GLY C 166 38.24 23.81 26.46
C GLY C 166 39.03 22.66 25.82
N GLN C 167 38.33 21.61 25.39
CA GLN C 167 38.98 20.46 24.76
C GLN C 167 38.97 20.58 23.23
N ASP C 168 39.67 19.66 22.58
CA ASP C 168 39.71 19.60 21.12
C ASP C 168 38.46 18.82 20.74
N PRO C 169 37.49 19.49 20.08
CA PRO C 169 36.22 18.84 19.71
C PRO C 169 36.39 17.56 18.89
N GLY C 170 37.50 17.44 18.18
CA GLY C 170 37.75 16.27 17.36
C GLY C 170 38.05 15.01 18.16
N GLU C 171 38.39 15.16 19.44
CA GLU C 171 38.72 14.01 20.28
C GLU C 171 37.68 13.70 21.37
N VAL C 172 36.82 14.66 21.68
CA VAL C 172 35.81 14.46 22.71
C VAL C 172 34.77 13.42 22.29
N ARG C 173 34.45 12.51 23.20
CA ARG C 173 33.46 11.46 22.97
C ARG C 173 32.34 11.55 23.99
N VAL C 174 31.11 11.62 23.50
CA VAL C 174 29.97 11.73 24.37
C VAL C 174 28.87 10.76 23.93
N PRO C 175 28.71 9.65 24.67
CA PRO C 175 27.65 8.72 24.31
C PRO C 175 26.29 9.35 24.50
N VAL C 176 25.33 9.01 23.66
CA VAL C 176 23.98 9.52 23.81
C VAL C 176 23.05 8.33 23.61
N ILE C 177 22.08 8.16 24.49
CA ILE C 177 21.16 7.04 24.38
C ILE C 177 19.73 7.50 24.49
N GLY C 178 18.80 6.56 24.34
CA GLY C 178 17.37 6.86 24.48
C GLY C 178 16.62 7.07 23.18
N GLY C 179 16.09 8.28 23.04
CA GLY C 179 15.34 8.66 21.86
C GLY C 179 16.01 9.79 21.11
N HIS C 180 15.29 10.37 20.16
CA HIS C 180 15.86 11.43 19.34
C HIS C 180 15.13 12.78 19.43
N SER C 181 14.29 12.94 20.45
CA SER C 181 13.59 14.21 20.63
C SER C 181 13.30 14.57 22.09
N GLY C 182 13.45 15.86 22.40
CA GLY C 182 13.19 16.40 23.73
C GLY C 182 13.72 15.58 24.89
N VAL C 183 12.85 15.26 25.83
CA VAL C 183 13.24 14.50 27.03
C VAL C 183 13.78 13.10 26.74
N THR C 184 13.59 12.58 25.53
CA THR C 184 14.11 11.24 25.24
C THR C 184 15.59 11.22 24.88
N ILE C 185 16.16 12.39 24.61
CA ILE C 185 17.59 12.48 24.31
C ILE C 185 18.35 12.49 25.63
N LEU C 186 19.20 11.49 25.83
CA LEU C 186 19.95 11.37 27.08
C LEU C 186 21.44 11.26 26.88
N PRO C 187 22.16 12.39 26.96
CA PRO C 187 23.61 12.36 26.81
C PRO C 187 24.24 11.86 28.10
N LEU C 188 25.13 10.88 27.98
CA LEU C 188 25.79 10.30 29.14
C LEU C 188 27.06 11.05 29.49
N LEU C 189 26.87 12.26 30.01
CA LEU C 189 27.99 13.11 30.38
C LEU C 189 28.87 12.42 31.43
N SER C 190 28.29 11.48 32.18
CA SER C 190 29.06 10.77 33.21
C SER C 190 30.14 9.86 32.62
N GLN C 191 30.05 9.58 31.32
CA GLN C 191 31.02 8.70 30.66
C GLN C 191 32.11 9.42 29.87
N VAL C 192 32.08 10.76 29.86
CA VAL C 192 33.11 11.52 29.14
C VAL C 192 34.42 11.38 29.92
N GLU C 193 35.40 10.75 29.30
CA GLU C 193 36.68 10.50 29.95
C GLU C 193 37.54 11.76 30.12
N GLY C 194 38.21 11.82 31.26
CA GLY C 194 39.11 12.93 31.58
C GLY C 194 38.45 14.24 31.97
N VAL C 195 37.12 14.25 32.03
CA VAL C 195 36.40 15.46 32.37
C VAL C 195 35.35 15.19 33.44
N GLU C 196 35.20 16.15 34.35
CA GLU C 196 34.20 16.06 35.42
C GLU C 196 33.30 17.28 35.34
N PHE C 197 32.02 17.09 35.58
CA PHE C 197 31.06 18.19 35.50
C PHE C 197 30.39 18.44 36.84
N SER C 198 29.98 19.69 37.04
CA SER C 198 29.26 20.09 38.22
C SER C 198 27.81 19.76 37.93
N ASP C 199 26.99 19.59 38.97
CA ASP C 199 25.57 19.30 38.76
C ASP C 199 24.95 20.36 37.87
N GLU C 200 25.34 21.61 38.10
CA GLU C 200 24.86 22.73 37.34
C GLU C 200 25.16 22.53 35.85
N GLU C 201 26.38 22.11 35.55
CA GLU C 201 26.78 21.85 34.16
C GLU C 201 26.01 20.68 33.57
N ILE C 202 25.81 19.62 34.36
CA ILE C 202 25.06 18.45 33.90
C ILE C 202 23.66 18.86 33.45
N ALA C 203 22.93 19.57 34.32
CA ALA C 203 21.56 20.01 34.01
C ALA C 203 21.50 20.91 32.79
N ALA C 204 22.41 21.90 32.75
CA ALA C 204 22.48 22.88 31.66
C ALA C 204 22.81 22.25 30.31
N LEU C 205 23.90 21.49 30.26
CA LEU C 205 24.29 20.81 29.01
C LEU C 205 23.20 19.88 28.51
N THR C 206 22.63 19.07 29.40
CA THR C 206 21.58 18.13 29.01
C THR C 206 20.41 18.88 28.37
N LYS C 207 19.98 19.94 29.02
CA LYS C 207 18.87 20.74 28.54
C LYS C 207 19.19 21.38 27.19
N ARG C 208 20.42 21.83 27.00
CA ARG C 208 20.83 22.45 25.72
C ARG C 208 20.85 21.42 24.61
N ILE C 209 21.28 20.20 24.95
CA ILE C 209 21.32 19.13 23.97
C ILE C 209 19.91 18.68 23.57
N GLN C 210 19.01 18.59 24.54
CA GLN C 210 17.63 18.17 24.27
C GLN C 210 16.84 19.20 23.45
N ASN C 211 17.27 20.46 23.51
CA ASN C 211 16.59 21.52 22.80
C ASN C 211 17.41 22.20 21.69
N ALA C 212 18.52 21.57 21.30
CA ALA C 212 19.38 22.13 20.26
C ALA C 212 18.62 22.40 18.95
N GLY C 213 17.65 21.54 18.62
CA GLY C 213 16.86 21.70 17.41
C GLY C 213 16.13 23.03 17.40
N THR C 214 15.47 23.34 18.50
CA THR C 214 14.73 24.59 18.65
C THR C 214 15.68 25.78 18.57
N GLU C 215 16.86 25.65 19.17
CA GLU C 215 17.87 26.70 19.12
C GLU C 215 18.18 27.11 17.66
N VAL C 216 18.34 26.15 16.76
CA VAL C 216 18.63 26.49 15.35
C VAL C 216 17.40 27.08 14.67
N VAL C 217 16.22 26.51 14.92
CA VAL C 217 15.00 27.03 14.32
C VAL C 217 14.81 28.50 14.69
N GLU C 218 15.05 28.82 15.96
CA GLU C 218 14.89 30.21 16.41
C GLU C 218 15.95 31.14 15.80
N ALA C 219 17.18 30.67 15.69
CA ALA C 219 18.24 31.49 15.10
C ALA C 219 17.97 31.71 13.60
N LYS C 220 17.20 30.80 13.00
CA LYS C 220 16.81 30.90 11.60
C LYS C 220 15.50 31.67 11.48
N ALA C 221 15.25 32.55 12.46
CA ALA C 221 14.05 33.39 12.50
C ALA C 221 12.76 32.60 12.28
N GLY C 222 12.77 31.33 12.67
CA GLY C 222 11.62 30.44 12.52
C GLY C 222 11.28 30.03 11.09
N GLY C 223 12.17 30.33 10.14
CA GLY C 223 11.93 29.98 8.74
C GLY C 223 12.73 28.82 8.21
N GLY C 224 13.18 27.96 9.11
CA GLY C 224 13.98 26.78 8.74
C GLY C 224 14.52 26.07 9.96
N SER C 225 15.14 24.91 9.74
CA SER C 225 15.71 24.11 10.82
C SER C 225 17.13 23.64 10.46
N ALA C 226 17.73 22.81 11.30
CA ALA C 226 19.08 22.32 11.05
C ALA C 226 19.17 21.48 9.78
N THR C 227 20.10 21.84 8.91
CA THR C 227 20.28 21.11 7.66
C THR C 227 21.74 20.74 7.42
N LEU C 228 22.64 21.71 7.58
CA LEU C 228 24.04 21.45 7.31
C LEU C 228 24.63 20.49 8.34
N SER C 229 24.28 20.71 9.61
CA SER C 229 24.78 19.85 10.69
C SER C 229 24.13 18.48 10.64
N GLY C 231 23.23 17.07 7.91
CA GLY C 231 23.87 16.45 6.75
C GLY C 231 25.20 15.87 7.21
N GLN C 232 25.90 16.64 8.05
CA GLN C 232 27.20 16.24 8.60
C GLN C 232 27.02 14.96 9.42
N ALA C 233 26.02 14.98 10.30
CA ALA C 233 25.70 13.83 11.17
C ALA C 233 25.34 12.57 10.39
N ALA C 234 24.48 12.71 9.38
CA ALA C 234 24.07 11.57 8.57
C ALA C 234 25.24 11.01 7.78
N CYS C 235 26.14 11.88 7.32
CA CYS C 235 27.32 11.43 6.57
C CYS C 235 28.20 10.56 7.48
N ARG C 236 28.40 11.00 8.72
CA ARG C 236 29.19 10.22 9.66
C ARG C 236 28.60 8.83 9.84
N PHE C 237 27.28 8.77 10.06
CA PHE C 237 26.64 7.47 10.25
C PHE C 237 26.68 6.66 8.95
N GLY C 238 26.49 7.34 7.82
CA GLY C 238 26.52 6.69 6.51
C GLY C 238 27.87 6.07 6.21
N LEU C 239 28.95 6.79 6.52
CA LEU C 239 30.29 6.25 6.30
C LEU C 239 30.53 5.07 7.24
N ALA C 240 30.06 5.18 8.47
CA ALA C 240 30.21 4.11 9.46
C ALA C 240 29.59 2.79 8.94
N LEU C 241 28.39 2.88 8.37
CA LEU C 241 27.74 1.69 7.80
C LEU C 241 28.55 1.12 6.64
N VAL C 242 29.03 1.98 5.76
CA VAL C 242 29.83 1.53 4.62
C VAL C 242 31.09 0.81 5.09
N LYS C 243 31.85 1.41 6.01
N LYS C 243 31.83 1.42 6.02
CA LYS C 243 33.07 0.80 6.51
CA LYS C 243 33.06 0.84 6.55
C LYS C 243 32.77 -0.58 7.12
C LYS C 243 32.78 -0.55 7.15
N ALA C 244 31.66 -0.66 7.85
CA ALA C 244 31.24 -1.91 8.48
C ALA C 244 30.84 -2.96 7.45
N LEU C 245 30.08 -2.56 6.43
CA LEU C 245 29.67 -3.49 5.38
C LEU C 245 30.88 -3.98 4.59
N GLN C 246 31.94 -3.18 4.59
CA GLN C 246 33.17 -3.54 3.87
C GLN C 246 34.14 -4.37 4.72
N GLY C 247 33.72 -4.77 5.92
CA GLY C 247 34.55 -5.63 6.76
C GLY C 247 35.26 -5.08 7.99
N GLU C 248 35.23 -3.77 8.23
CA GLU C 248 35.90 -3.23 9.41
C GLU C 248 34.95 -3.00 10.58
N GLU C 249 35.43 -3.39 11.77
CA GLU C 249 34.66 -3.26 13.00
C GLU C 249 34.46 -1.79 13.32
N VAL C 250 33.22 -1.41 13.57
CA VAL C 250 32.88 -0.03 13.90
C VAL C 250 31.79 0.02 14.95
N ILE C 251 31.99 0.84 15.97
CA ILE C 251 31.00 1.02 17.03
C ILE C 251 30.35 2.37 16.78
N GLU C 252 29.03 2.42 16.86
CA GLU C 252 28.31 3.65 16.59
C GLU C 252 27.00 3.67 17.42
N TYR C 253 26.47 4.86 17.65
CA TYR C 253 25.22 5.05 18.40
C TYR C 253 24.03 5.26 17.48
N ALA C 254 22.96 4.48 17.68
CA ALA C 254 21.75 4.59 16.86
C ALA C 254 20.50 4.01 17.53
N TYR C 255 19.34 4.45 17.05
CA TYR C 255 18.04 4.02 17.53
C TYR C 255 17.72 2.73 16.82
N VAL C 256 17.81 1.63 17.55
CA VAL C 256 17.59 0.31 16.97
C VAL C 256 16.68 -0.59 17.81
N GLU C 257 16.22 -1.69 17.20
CA GLU C 257 15.40 -2.63 17.93
C GLU C 257 16.43 -3.51 18.60
N GLY C 258 16.66 -3.21 19.89
CA GLY C 258 17.64 -3.93 20.69
C GLY C 258 17.01 -5.01 21.56
N ASN C 259 17.57 -5.20 22.74
CA ASN C 259 17.08 -6.22 23.67
C ASN C 259 15.76 -5.82 24.33
N GLY C 260 15.42 -4.55 24.22
CA GLY C 260 14.18 -4.03 24.75
C GLY C 260 14.09 -4.00 26.26
N GLU C 261 15.11 -3.48 26.93
CA GLU C 261 15.06 -3.37 28.37
C GLU C 261 14.21 -2.17 28.76
N HIS C 262 14.18 -1.14 27.90
CA HIS C 262 13.45 0.07 28.22
C HIS C 262 12.34 0.42 27.23
N ALA C 263 12.60 0.19 25.94
CA ALA C 263 11.63 0.44 24.88
C ALA C 263 11.98 -0.51 23.75
N SER C 264 10.99 -0.90 22.95
CA SER C 264 11.23 -1.85 21.84
C SER C 264 12.35 -1.32 20.92
N PHE C 265 12.36 -0.01 20.70
CA PHE C 265 13.42 0.66 19.93
C PHE C 265 14.11 1.60 20.91
N PHE C 266 15.43 1.66 20.87
CA PHE C 266 16.14 2.47 21.84
C PHE C 266 17.55 2.72 21.30
N ALA C 267 18.04 3.95 21.49
CA ALA C 267 19.36 4.30 21.01
C ALA C 267 20.44 3.93 22.01
N GLN C 268 21.43 3.16 21.55
CA GLN C 268 22.54 2.74 22.38
C GLN C 268 23.69 2.35 21.46
N PRO C 269 24.84 1.98 22.04
CA PRO C 269 25.94 1.63 21.16
C PRO C 269 25.74 0.27 20.49
N VAL C 270 26.08 0.20 19.22
CA VAL C 270 25.97 -1.05 18.48
C VAL C 270 27.25 -1.27 17.68
N LYS C 271 27.70 -2.52 17.67
CA LYS C 271 28.86 -2.90 16.89
C LYS C 271 28.32 -3.23 15.51
N LEU C 272 28.72 -2.46 14.50
CA LEU C 272 28.27 -2.68 13.13
C LEU C 272 29.17 -3.67 12.41
N GLY C 273 28.58 -4.48 11.55
CA GLY C 273 29.31 -5.49 10.78
C GLY C 273 28.71 -5.71 9.41
N LYS C 274 29.11 -6.81 8.76
CA LYS C 274 28.63 -7.17 7.42
C LYS C 274 27.12 -7.14 7.23
N GLU C 275 26.37 -7.55 8.25
CA GLU C 275 24.92 -7.61 8.16
C GLU C 275 24.24 -6.45 8.86
N GLY C 276 24.99 -5.40 9.15
CA GLY C 276 24.44 -4.24 9.85
C GLY C 276 24.75 -4.41 11.33
N VAL C 277 23.71 -4.46 12.17
CA VAL C 277 23.92 -4.63 13.60
C VAL C 277 24.49 -6.03 13.85
N GLU C 278 25.72 -6.09 14.34
CA GLU C 278 26.36 -7.36 14.62
C GLU C 278 26.17 -7.71 16.08
N GLU C 279 26.13 -6.68 16.94
CA GLU C 279 25.94 -6.90 18.36
C GLU C 279 25.39 -5.66 19.07
N ILE C 280 24.37 -5.85 19.92
CA ILE C 280 23.81 -4.78 20.71
C ILE C 280 24.70 -4.63 21.94
N LEU C 281 25.39 -3.51 22.08
CA LEU C 281 26.30 -3.31 23.22
C LEU C 281 25.64 -2.61 24.39
N PRO C 282 26.04 -3.00 25.62
CA PRO C 282 25.49 -2.32 26.79
C PRO C 282 25.97 -0.87 26.82
N TYR C 283 25.15 0.02 27.35
CA TYR C 283 25.48 1.44 27.43
C TYR C 283 26.29 1.81 28.69
N GLY C 284 26.58 0.83 29.53
CA GLY C 284 27.40 1.06 30.74
C GLY C 284 26.70 1.64 31.95
N GLU C 285 27.52 2.09 32.91
CA GLU C 285 27.02 2.66 34.15
C GLU C 285 26.41 4.04 33.94
N LEU C 286 25.32 4.29 34.64
CA LEU C 286 24.63 5.56 34.54
C LEU C 286 24.65 6.25 35.89
N SER C 287 24.77 7.57 35.88
CA SER C 287 24.75 8.35 37.12
C SER C 287 23.31 8.37 37.61
N ASP C 288 23.08 8.87 38.83
CA ASP C 288 21.71 8.96 39.35
C ASP C 288 20.88 9.95 38.50
N PHE C 289 21.52 10.99 37.97
CA PHE C 289 20.82 11.96 37.13
C PHE C 289 20.37 11.26 35.85
N GLU C 290 21.31 10.56 35.22
CA GLU C 290 21.04 9.83 33.99
C GLU C 290 19.96 8.76 34.19
N LYS C 291 19.98 8.06 35.31
CA LYS C 291 18.97 7.05 35.61
C LYS C 291 17.60 7.70 35.77
N ALA C 292 17.53 8.81 36.49
CA ALA C 292 16.26 9.50 36.67
C ALA C 292 15.76 10.02 35.32
N ALA C 293 16.67 10.49 34.46
CA ALA C 293 16.26 10.99 33.15
C ALA C 293 15.71 9.84 32.32
N LEU C 294 16.32 8.68 32.43
CA LEU C 294 15.87 7.49 31.69
C LEU C 294 14.47 7.09 32.13
N ASP C 295 14.27 6.94 33.44
CA ASP C 295 12.97 6.56 33.97
C ASP C 295 11.88 7.58 33.63
N GLY C 296 12.21 8.86 33.72
CA GLY C 296 11.25 9.91 33.43
C GLY C 296 10.87 10.00 31.97
N LEU C 298 10.61 7.14 29.78
CA LEU C 298 10.01 5.90 29.25
C LEU C 298 8.58 5.98 28.69
N GLU C 299 7.69 6.70 29.38
N GLU C 299 7.67 6.68 29.37
CA GLU C 299 6.31 6.83 28.93
CA GLU C 299 6.29 6.78 28.90
C GLU C 299 6.24 7.54 27.59
C GLU C 299 6.21 7.57 27.59
N THR C 300 7.05 8.59 27.44
CA THR C 300 7.08 9.39 26.20
C THR C 300 7.61 8.57 25.04
N LEU C 301 8.77 7.94 25.22
CA LEU C 301 9.39 7.13 24.16
C LEU C 301 8.46 5.99 23.70
N ASN C 302 7.93 5.22 24.65
CA ASN C 302 7.04 4.13 24.30
C ASN C 302 5.77 4.60 23.59
N SER C 303 5.19 5.72 24.02
CA SER C 303 4.03 6.24 23.32
C SER C 303 4.39 6.66 21.89
N ASP C 304 5.59 7.21 21.68
CA ASP C 304 6.03 7.58 20.33
C ASP C 304 6.10 6.32 19.46
N ILE C 305 6.53 5.21 20.07
CA ILE C 305 6.61 3.94 19.36
C ILE C 305 5.18 3.48 19.03
N GLN C 306 4.27 3.62 19.99
CA GLN C 306 2.86 3.24 19.80
C GLN C 306 2.24 4.00 18.63
N ILE C 307 2.58 5.28 18.51
CA ILE C 307 2.07 6.11 17.44
C ILE C 307 2.48 5.54 16.08
N GLY C 308 3.71 5.06 15.98
CA GLY C 308 4.20 4.47 14.73
C GLY C 308 3.42 3.19 14.38
N VAL C 309 3.28 2.33 15.37
CA VAL C 309 2.53 1.08 15.18
C VAL C 309 1.09 1.39 14.78
N ASP C 310 0.50 2.39 15.42
CA ASP C 310 -0.87 2.80 15.13
C ASP C 310 -1.06 3.29 13.69
N PHE C 311 -0.02 3.89 13.13
CA PHE C 311 -0.08 4.43 11.78
C PHE C 311 -0.12 3.36 10.70
N VAL C 312 0.56 2.24 10.95
CA VAL C 312 0.64 1.14 10.01
C VAL C 312 -0.33 0.03 10.39
N ALA D 3 46.08 33.34 14.06
CA ALA D 3 44.68 32.94 13.72
C ALA D 3 44.17 33.75 12.53
N LYS D 5 40.77 34.94 10.04
CA LYS D 5 39.33 35.11 10.00
C LYS D 5 38.90 35.16 8.54
N VAL D 6 37.92 34.31 8.21
CA VAL D 6 37.41 34.22 6.86
C VAL D 6 35.94 34.61 6.86
N ALA D 7 35.58 35.57 6.02
CA ALA D 7 34.20 36.05 5.92
C ALA D 7 33.59 35.58 4.61
N VAL D 8 32.35 35.11 4.68
CA VAL D 8 31.62 34.68 3.48
C VAL D 8 30.39 35.58 3.38
N ILE D 9 30.33 36.39 2.33
CA ILE D 9 29.23 37.31 2.09
C ILE D 9 28.32 36.62 1.10
N GLY D 10 27.01 36.64 1.37
CA GLY D 10 26.04 35.94 0.54
C GLY D 10 25.97 34.51 1.06
N ALA D 11 26.14 34.38 2.37
CA ALA D 11 26.17 33.08 3.04
C ALA D 11 24.87 32.29 3.10
N ALA D 12 23.73 32.92 2.85
CA ALA D 12 22.44 32.22 2.90
C ALA D 12 22.11 31.44 1.63
N GLY D 13 22.74 31.78 0.53
CA GLY D 13 22.49 31.10 -0.74
C GLY D 13 23.07 29.71 -0.79
N GLY D 14 22.72 28.96 -1.84
CA GLY D 14 23.20 27.58 -2.01
C GLY D 14 24.72 27.51 -2.04
N ILE D 15 25.35 28.35 -2.85
CA ILE D 15 26.82 28.39 -2.93
C ILE D 15 27.37 28.71 -1.53
N GLY D 16 26.86 29.79 -0.94
CA GLY D 16 27.31 30.23 0.37
C GLY D 16 27.25 29.17 1.47
N GLN D 17 26.14 28.46 1.54
CA GLN D 17 25.99 27.41 2.56
C GLN D 17 26.93 26.23 2.33
N ALA D 18 27.06 25.78 1.09
CA ALA D 18 27.96 24.67 0.80
C ALA D 18 29.39 25.09 1.14
N LEU D 19 29.76 26.30 0.75
CA LEU D 19 31.09 26.83 1.04
C LEU D 19 31.35 26.91 2.55
N ALA D 20 30.38 27.45 3.30
CA ALA D 20 30.53 27.57 4.74
C ALA D 20 30.63 26.19 5.42
N LEU D 21 29.84 25.22 4.95
CA LEU D 21 29.90 23.87 5.50
C LEU D 21 31.29 23.27 5.32
N LEU D 22 31.82 23.38 4.10
CA LEU D 22 33.15 22.85 3.80
C LEU D 22 34.24 23.58 4.59
N LEU D 23 34.15 24.91 4.66
CA LEU D 23 35.12 25.69 5.43
C LEU D 23 35.08 25.33 6.92
N LYS D 24 33.89 25.16 7.49
CA LYS D 24 33.77 24.79 8.91
C LYS D 24 34.53 23.48 9.14
N ASN D 25 34.59 22.63 8.13
CA ASN D 25 35.27 21.34 8.21
C ASN D 25 36.76 21.35 7.87
N ARG D 26 37.17 22.23 6.98
CA ARG D 26 38.54 22.23 6.50
C ARG D 26 39.47 23.37 6.91
N LEU D 27 38.94 24.49 7.39
CA LEU D 27 39.82 25.57 7.82
C LEU D 27 40.71 25.05 8.93
N PRO D 28 41.94 25.57 9.02
CA PRO D 28 42.86 25.10 10.06
C PRO D 28 42.31 25.34 11.46
N ALA D 29 42.68 24.48 12.40
CA ALA D 29 42.24 24.62 13.77
C ALA D 29 42.56 26.02 14.27
N GLY D 30 41.62 26.62 14.99
CA GLY D 30 41.80 27.97 15.53
C GLY D 30 41.26 29.06 14.62
N SER D 31 40.82 28.70 13.42
CA SER D 31 40.29 29.67 12.48
C SER D 31 38.94 30.22 12.93
N ASP D 32 38.58 31.39 12.39
CA ASP D 32 37.33 32.04 12.70
C ASP D 32 36.58 32.23 11.39
N LEU D 33 35.29 31.90 11.38
CA LEU D 33 34.46 32.00 10.19
C LEU D 33 33.26 32.94 10.49
N ALA D 34 33.02 33.90 9.60
CA ALA D 34 31.92 34.85 9.78
C ALA D 34 31.05 34.89 8.52
N LEU D 35 29.75 34.72 8.72
CA LEU D 35 28.80 34.73 7.63
C LEU D 35 27.91 35.98 7.62
N TYR D 36 27.67 36.51 6.44
CA TYR D 36 26.78 37.64 6.30
C TYR D 36 25.88 37.46 5.10
N ASP D 37 24.61 37.81 5.28
CA ASP D 37 23.62 37.78 4.22
C ASP D 37 22.41 38.56 4.78
N ILE D 38 21.84 39.44 3.96
CA ILE D 38 20.71 40.24 4.42
C ILE D 38 19.52 39.32 4.69
N ALA D 39 19.58 38.09 4.19
CA ALA D 39 18.55 37.09 4.44
C ALA D 39 18.52 36.89 5.95
N PRO D 40 17.34 36.98 6.58
CA PRO D 40 17.31 36.85 8.04
C PRO D 40 17.70 35.49 8.60
N VAL D 41 17.78 34.48 7.74
CA VAL D 41 18.13 33.13 8.17
C VAL D 41 19.60 32.96 8.54
N THR D 42 20.45 33.90 8.12
CA THR D 42 21.90 33.80 8.32
C THR D 42 22.42 33.46 9.73
N PRO D 43 21.93 34.14 10.79
CA PRO D 43 22.46 33.72 12.10
C PRO D 43 22.19 32.22 12.37
N GLY D 44 21.08 31.73 11.84
CA GLY D 44 20.70 30.33 12.00
C GLY D 44 21.57 29.39 11.21
N VAL D 45 22.06 29.84 10.06
CA VAL D 45 22.95 29.03 9.25
C VAL D 45 24.21 28.80 10.07
N ALA D 46 24.72 29.87 10.67
CA ALA D 46 25.90 29.79 11.52
C ALA D 46 25.61 28.90 12.74
N ALA D 47 24.44 29.06 13.36
CA ALA D 47 24.08 28.26 14.54
C ALA D 47 24.05 26.76 14.18
N ASP D 48 23.44 26.46 13.04
CA ASP D 48 23.38 25.11 12.50
C ASP D 48 24.82 24.58 12.41
N LEU D 49 25.65 25.30 11.67
CA LEU D 49 27.05 24.90 11.51
C LEU D 49 27.88 24.85 12.80
N SER D 50 27.55 25.68 13.79
CA SER D 50 28.33 25.70 15.04
C SER D 50 28.19 24.43 15.83
N HIS D 51 27.19 23.62 15.51
CA HIS D 51 27.00 22.36 16.20
C HIS D 51 27.92 21.24 15.66
N ILE D 52 28.70 21.56 14.63
CA ILE D 52 29.64 20.61 14.06
C ILE D 52 30.94 20.66 14.88
N PRO D 53 31.38 19.52 15.45
CA PRO D 53 32.58 19.50 16.29
C PRO D 53 33.94 19.63 15.59
N THR D 54 34.27 20.84 15.14
CA THR D 54 35.56 21.12 14.52
C THR D 54 36.09 22.34 15.24
N HIS D 55 37.41 22.49 15.30
CA HIS D 55 38.00 23.62 16.02
C HIS D 55 38.03 24.87 15.13
N VAL D 56 36.84 25.29 14.70
CA VAL D 56 36.64 26.48 13.88
C VAL D 56 35.44 27.19 14.47
N SER D 57 35.61 28.43 14.91
CA SER D 57 34.50 29.17 15.49
C SER D 57 33.73 29.83 14.35
N ILE D 58 32.42 29.94 14.50
CA ILE D 58 31.59 30.53 13.47
C ILE D 58 30.47 31.39 14.05
N LYS D 59 30.21 32.51 13.38
CA LYS D 59 29.15 33.43 13.73
C LYS D 59 28.48 33.87 12.43
N GLY D 60 27.19 34.21 12.52
CA GLY D 60 26.44 34.63 11.34
C GLY D 60 25.68 35.90 11.64
N TYR D 61 25.57 36.76 10.63
CA TYR D 61 24.91 38.07 10.78
C TYR D 61 23.94 38.39 9.65
N ALA D 62 22.81 38.99 10.00
CA ALA D 62 21.84 39.45 9.02
C ALA D 62 21.81 40.97 9.20
N GLY D 63 20.66 41.61 9.02
CA GLY D 63 20.61 43.06 9.15
C GLY D 63 21.20 43.68 7.90
N GLU D 64 21.34 45.00 7.90
CA GLU D 64 21.83 45.72 6.73
C GLU D 64 23.32 46.04 6.71
N ASP D 65 24.01 45.76 7.80
CA ASP D 65 25.43 46.09 7.90
C ASP D 65 26.32 44.87 8.11
N PRO D 66 27.19 44.56 7.14
CA PRO D 66 28.09 43.40 7.22
C PRO D 66 29.37 43.63 8.03
N THR D 67 29.51 44.81 8.63
CA THR D 67 30.70 45.16 9.41
C THR D 67 31.15 44.10 10.41
N PRO D 68 30.22 43.52 11.20
CA PRO D 68 30.64 42.48 12.16
C PRO D 68 31.34 41.28 11.49
N ALA D 69 30.99 40.96 10.25
CA ALA D 69 31.60 39.84 9.55
C ALA D 69 32.91 40.24 8.88
N LEU D 70 32.94 41.44 8.32
CA LEU D 70 34.12 41.96 7.63
C LEU D 70 35.23 42.43 8.57
N GLU D 71 34.85 42.98 9.72
CA GLU D 71 35.83 43.49 10.68
C GLU D 71 36.84 42.41 11.07
N GLY D 72 38.11 42.73 10.87
CA GLY D 72 39.21 41.81 11.18
C GLY D 72 39.36 40.66 10.20
N ALA D 73 38.65 40.70 9.08
CA ALA D 73 38.74 39.61 8.11
C ALA D 73 40.08 39.60 7.36
N ASP D 74 40.66 38.41 7.27
CA ASP D 74 41.91 38.20 6.57
C ASP D 74 41.61 37.77 5.14
N VAL D 75 40.48 37.10 4.97
CA VAL D 75 40.03 36.64 3.69
C VAL D 75 38.54 36.87 3.58
N VAL D 76 38.11 37.47 2.48
CA VAL D 76 36.69 37.72 2.24
C VAL D 76 36.28 37.03 0.96
N LEU D 77 35.38 36.05 1.07
CA LEU D 77 34.89 35.32 -0.09
C LEU D 77 33.53 35.89 -0.42
N ILE D 78 33.43 36.51 -1.60
CA ILE D 78 32.18 37.14 -2.05
C ILE D 78 31.34 36.23 -2.92
N SER D 79 30.23 35.78 -2.35
CA SER D 79 29.27 34.94 -3.02
C SER D 79 27.94 35.67 -2.96
N ALA D 80 27.99 36.99 -3.11
CA ALA D 80 26.80 37.82 -3.05
C ALA D 80 26.02 37.80 -4.37
N GLY D 81 24.82 38.34 -4.36
CA GLY D 81 23.99 38.40 -5.56
C GLY D 81 23.28 37.09 -5.88
N VAL D 82 22.94 36.91 -7.15
CA VAL D 82 22.23 35.72 -7.58
C VAL D 82 23.15 34.86 -8.44
N ALA D 83 22.94 33.55 -8.34
CA ALA D 83 23.73 32.57 -9.08
C ALA D 83 23.40 32.60 -10.55
N ARG D 84 24.42 32.37 -11.37
CA ARG D 84 24.29 32.36 -12.83
C ARG D 84 23.80 31.01 -13.36
N ASP D 89 19.09 35.52 -18.34
CA ASP D 89 19.64 36.46 -19.32
C ASP D 89 20.87 37.17 -18.75
N ARG D 90 21.84 37.43 -19.63
CA ARG D 90 23.09 38.09 -19.26
C ARG D 90 22.84 39.46 -18.61
N ALA D 91 21.97 40.26 -19.21
CA ALA D 91 21.66 41.59 -18.69
C ALA D 91 20.97 41.53 -17.32
N ASP D 92 20.06 40.58 -17.11
CA ASP D 92 19.37 40.45 -15.82
C ASP D 92 20.37 40.16 -14.71
N LEU D 93 21.31 39.26 -14.98
CA LEU D 93 22.32 38.88 -14.01
C LEU D 93 23.20 40.07 -13.68
N PHE D 94 23.74 40.71 -14.72
CA PHE D 94 24.62 41.85 -14.57
C PHE D 94 23.98 42.97 -13.77
N ASN D 95 22.74 43.31 -14.13
CA ASN D 95 22.03 44.39 -13.46
C ASN D 95 21.83 44.19 -11.97
N VAL D 96 21.79 42.94 -11.55
CA VAL D 96 21.64 42.65 -10.13
C VAL D 96 22.97 42.58 -9.42
N ASN D 97 23.88 41.76 -9.96
CA ASN D 97 25.18 41.50 -9.37
C ASN D 97 26.22 42.62 -9.46
N ALA D 98 26.28 43.34 -10.58
CA ALA D 98 27.26 44.40 -10.75
C ALA D 98 27.17 45.40 -9.58
N GLY D 99 25.99 45.95 -9.39
CA GLY D 99 25.76 46.93 -8.32
C GLY D 99 26.02 46.38 -6.94
N ILE D 100 25.64 45.12 -6.72
CA ILE D 100 25.86 44.48 -5.42
C ILE D 100 27.35 44.36 -5.12
N VAL D 101 28.14 43.92 -6.08
CA VAL D 101 29.59 43.79 -5.87
C VAL D 101 30.20 45.17 -5.62
N LYS D 102 29.78 46.13 -6.42
CA LYS D 102 30.27 47.50 -6.30
C LYS D 102 30.04 48.04 -4.89
N SER D 103 28.81 47.95 -4.40
CA SER D 103 28.49 48.47 -3.07
C SER D 103 29.22 47.75 -1.95
N LEU D 104 29.42 46.45 -2.12
CA LEU D 104 30.12 45.64 -1.13
C LEU D 104 31.60 46.01 -1.10
N ALA D 105 32.18 46.23 -2.27
CA ALA D 105 33.59 46.60 -2.38
C ALA D 105 33.82 47.90 -1.63
N GLU D 106 32.85 48.80 -1.70
CA GLU D 106 32.93 50.08 -0.99
C GLU D 106 32.95 49.87 0.52
N ARG D 107 32.16 48.90 1.01
CA ARG D 107 32.14 48.62 2.44
C ARG D 107 33.46 47.98 2.85
N ILE D 108 33.97 47.09 2.01
CA ILE D 108 35.24 46.39 2.26
C ILE D 108 36.41 47.37 2.29
N ALA D 109 36.37 48.38 1.42
CA ALA D 109 37.42 49.38 1.33
C ALA D 109 37.65 50.08 2.66
N VAL D 110 36.58 50.35 3.39
CA VAL D 110 36.68 51.06 4.66
C VAL D 110 36.63 50.18 5.92
N VAL D 111 36.43 48.87 5.76
CA VAL D 111 36.40 47.99 6.92
C VAL D 111 37.61 47.05 6.93
N CYS D 112 37.77 46.28 5.87
CA CYS D 112 38.89 45.34 5.78
C CYS D 112 39.68 45.45 4.47
N PRO D 113 40.26 46.62 4.21
CA PRO D 113 41.05 46.85 2.99
C PRO D 113 42.30 45.96 2.88
N ASN D 114 42.78 45.41 3.99
CA ASN D 114 43.95 44.53 4.00
C ASN D 114 43.63 43.09 3.61
N ALA D 115 42.35 42.75 3.54
CA ALA D 115 41.96 41.37 3.25
C ALA D 115 42.21 40.90 1.82
N CYS D 116 42.42 39.59 1.68
CA CYS D 116 42.54 38.98 0.37
C CYS D 116 41.08 38.77 -0.01
N ILE D 117 40.69 39.27 -1.18
CA ILE D 117 39.31 39.18 -1.63
C ILE D 117 39.13 38.16 -2.76
N GLY D 118 38.28 37.16 -2.53
CA GLY D 118 37.99 36.14 -3.54
C GLY D 118 36.58 36.34 -4.07
N ILE D 119 36.44 36.75 -5.31
CA ILE D 119 35.11 36.98 -5.87
C ILE D 119 34.59 35.76 -6.62
N ILE D 120 33.45 35.25 -6.14
CA ILE D 120 32.78 34.07 -6.70
C ILE D 120 31.58 34.56 -7.56
N THR D 121 30.97 35.66 -7.11
CA THR D 121 29.84 36.27 -7.77
C THR D 121 30.10 36.54 -9.26
N ASN D 122 29.23 36.01 -10.11
CA ASN D 122 29.36 36.16 -11.55
C ASN D 122 28.63 37.38 -12.12
N PRO D 123 29.06 37.85 -13.29
CA PRO D 123 30.17 37.32 -14.11
C PRO D 123 31.56 37.79 -13.66
N VAL D 124 32.38 36.86 -13.18
CA VAL D 124 33.72 37.13 -12.68
C VAL D 124 34.61 37.96 -13.60
N ASN D 125 34.52 37.74 -14.91
CA ASN D 125 35.35 38.50 -15.84
C ASN D 125 35.13 39.99 -15.66
N THR D 126 33.91 40.35 -15.24
CA THR D 126 33.50 41.75 -15.06
C THR D 126 33.40 42.24 -13.60
N THR D 127 32.98 41.39 -12.68
CA THR D 127 32.85 41.80 -11.28
C THR D 127 34.20 42.04 -10.61
N VAL D 128 35.24 41.34 -11.02
CA VAL D 128 36.55 41.59 -10.42
C VAL D 128 37.00 43.01 -10.80
N PRO D 129 36.94 43.36 -12.11
CA PRO D 129 37.30 44.73 -12.49
C PRO D 129 36.47 45.78 -11.74
N ILE D 130 35.18 45.52 -11.55
CA ILE D 130 34.33 46.46 -10.82
C ILE D 130 34.87 46.68 -9.41
N ALA D 131 35.25 45.59 -8.74
CA ALA D 131 35.78 45.66 -7.39
C ALA D 131 37.11 46.40 -7.39
N ALA D 132 37.94 46.13 -8.41
CA ALA D 132 39.24 46.77 -8.55
C ALA D 132 39.10 48.30 -8.66
N GLU D 133 38.19 48.75 -9.52
CA GLU D 133 37.97 50.19 -9.70
C GLU D 133 37.42 50.84 -8.43
N VAL D 134 36.55 50.14 -7.71
CA VAL D 134 36.02 50.66 -6.46
C VAL D 134 37.15 50.85 -5.47
N LEU D 135 38.00 49.83 -5.35
CA LEU D 135 39.14 49.88 -4.43
C LEU D 135 40.14 50.99 -4.79
N LYS D 136 40.39 51.20 -6.09
CA LYS D 136 41.33 52.26 -6.51
C LYS D 136 40.77 53.63 -6.20
N LYS D 137 39.47 53.78 -6.41
CA LYS D 137 38.79 55.04 -6.17
C LYS D 137 38.80 55.36 -4.67
N ALA D 138 38.72 54.31 -3.86
CA ALA D 138 38.77 54.48 -2.41
C ALA D 138 40.22 54.71 -1.95
N GLY D 139 41.18 54.43 -2.82
CA GLY D 139 42.61 54.63 -2.52
C GLY D 139 43.26 53.51 -1.72
N VAL D 140 42.67 52.33 -1.73
CA VAL D 140 43.20 51.21 -0.95
C VAL D 140 43.49 49.97 -1.79
N TYR D 141 43.43 50.09 -3.11
CA TYR D 141 43.64 48.94 -3.99
C TYR D 141 45.03 48.31 -3.96
N ASP D 142 45.03 46.99 -3.79
CA ASP D 142 46.24 46.19 -3.79
C ASP D 142 45.96 45.02 -4.73
N LYS D 143 46.49 45.11 -5.95
CA LYS D 143 46.27 44.06 -6.96
C LYS D 143 46.79 42.68 -6.57
N ARG D 144 47.61 42.61 -5.54
CA ARG D 144 48.13 41.33 -5.07
C ARG D 144 47.09 40.61 -4.21
N LYS D 145 46.00 41.30 -3.86
CA LYS D 145 44.97 40.74 -3.00
C LYS D 145 43.55 40.64 -3.57
N LEU D 146 43.40 40.88 -4.86
CA LEU D 146 42.10 40.76 -5.49
C LEU D 146 42.15 39.55 -6.41
N PHE D 147 41.21 38.63 -6.24
CA PHE D 147 41.15 37.41 -7.04
C PHE D 147 39.77 37.07 -7.59
N GLY D 148 39.74 36.59 -8.83
CA GLY D 148 38.51 36.11 -9.44
C GLY D 148 38.63 34.61 -9.22
N VAL D 149 37.67 34.00 -8.55
CA VAL D 149 37.76 32.56 -8.29
C VAL D 149 37.36 31.75 -9.51
N THR D 150 38.35 31.17 -10.19
CA THR D 150 38.12 30.38 -11.38
C THR D 150 38.29 28.88 -11.12
N THR D 151 38.50 28.53 -9.86
CA THR D 151 38.75 27.15 -9.46
C THR D 151 37.71 26.13 -9.96
N LEU D 152 36.46 26.55 -10.17
CA LEU D 152 35.45 25.61 -10.66
C LEU D 152 35.83 25.07 -12.05
N ASP D 153 36.41 25.92 -12.90
CA ASP D 153 36.82 25.48 -14.24
C ASP D 153 37.95 24.45 -14.11
N VAL D 154 38.81 24.65 -13.12
CA VAL D 154 39.94 23.76 -12.88
C VAL D 154 39.49 22.39 -12.37
N ILE D 155 38.58 22.34 -11.39
CA ILE D 155 38.15 21.05 -10.86
C ILE D 155 37.32 20.29 -11.90
N ARG D 156 36.52 21.01 -12.69
CA ARG D 156 35.75 20.38 -13.75
C ARG D 156 36.70 19.74 -14.75
N SER D 157 37.74 20.47 -15.13
CA SER D 157 38.73 19.96 -16.07
C SER D 157 39.39 18.70 -15.51
N GLU D 158 39.70 18.72 -14.21
CA GLU D 158 40.32 17.56 -13.57
C GLU D 158 39.38 16.37 -13.69
N THR D 159 38.12 16.59 -13.36
CA THR D 159 37.11 15.54 -13.42
C THR D 159 36.93 14.95 -14.83
N PHE D 160 36.69 15.81 -15.81
CA PHE D 160 36.44 15.33 -17.17
C PHE D 160 37.64 14.59 -17.76
N VAL D 161 38.84 15.12 -17.54
CA VAL D 161 40.07 14.48 -18.03
C VAL D 161 40.25 13.09 -17.40
N ALA D 162 40.10 13.02 -16.09
CA ALA D 162 40.24 11.76 -15.36
C ALA D 162 39.27 10.70 -15.91
N GLU D 163 38.04 11.12 -16.19
CA GLU D 163 37.02 10.23 -16.74
C GLU D 163 37.49 9.64 -18.06
N LEU D 164 37.80 10.52 -19.01
CA LEU D 164 38.24 10.10 -20.34
C LEU D 164 39.50 9.24 -20.31
N LYS D 165 40.56 9.74 -19.67
CA LYS D 165 41.83 9.02 -19.59
C LYS D 165 41.96 8.00 -18.45
N GLY D 166 40.86 7.70 -17.77
CA GLY D 166 40.87 6.73 -16.67
C GLY D 166 41.93 6.99 -15.60
N GLN D 167 42.09 8.24 -15.22
CA GLN D 167 43.07 8.61 -14.20
C GLN D 167 42.32 8.75 -12.88
N ASP D 168 43.07 8.92 -11.79
CA ASP D 168 42.46 9.12 -10.49
C ASP D 168 42.20 10.62 -10.40
N PRO D 169 40.92 11.01 -10.32
CA PRO D 169 40.56 12.43 -10.26
C PRO D 169 41.33 13.24 -9.20
N GLY D 170 41.75 12.57 -8.12
CA GLY D 170 42.48 13.23 -7.04
C GLY D 170 43.92 13.59 -7.34
N GLU D 171 44.51 13.01 -8.38
CA GLU D 171 45.90 13.29 -8.73
C GLU D 171 46.03 14.11 -10.03
N VAL D 172 45.06 13.99 -10.93
CA VAL D 172 45.08 14.71 -12.20
C VAL D 172 45.20 16.23 -12.03
N ARG D 173 46.12 16.83 -12.78
CA ARG D 173 46.36 18.27 -12.74
C ARG D 173 46.21 18.86 -14.15
N VAL D 174 45.26 19.79 -14.28
CA VAL D 174 44.95 20.44 -15.55
C VAL D 174 44.87 21.96 -15.42
N PRO D 175 45.89 22.67 -15.95
CA PRO D 175 45.88 24.13 -15.86
C PRO D 175 44.78 24.76 -16.71
N VAL D 176 44.17 25.83 -16.21
CA VAL D 176 43.13 26.54 -16.95
C VAL D 176 43.44 28.03 -16.86
N ILE D 177 43.54 28.68 -18.01
CA ILE D 177 43.86 30.11 -18.06
C ILE D 177 42.76 30.90 -18.77
N GLY D 178 42.87 32.21 -18.75
CA GLY D 178 41.91 33.08 -19.44
C GLY D 178 40.83 33.69 -18.57
N GLY D 179 39.59 33.48 -18.96
CA GLY D 179 38.42 34.00 -18.26
C GLY D 179 37.60 32.91 -17.60
N HIS D 180 36.42 33.29 -17.11
CA HIS D 180 35.56 32.36 -16.38
C HIS D 180 34.21 32.06 -17.05
N SER D 181 34.05 32.46 -18.32
CA SER D 181 32.81 32.18 -19.04
C SER D 181 33.03 31.91 -20.54
N GLY D 182 32.16 31.07 -21.08
CA GLY D 182 32.18 30.70 -22.50
C GLY D 182 33.53 30.42 -23.10
N VAL D 183 33.81 31.10 -24.21
CA VAL D 183 35.06 30.93 -24.94
C VAL D 183 36.29 31.46 -24.22
N THR D 184 36.11 32.22 -23.14
CA THR D 184 37.26 32.75 -22.41
C THR D 184 37.92 31.72 -21.49
N ILE D 185 37.26 30.58 -21.28
CA ILE D 185 37.78 29.51 -20.45
C ILE D 185 38.72 28.64 -21.30
N LEU D 186 40.00 28.67 -21.00
CA LEU D 186 40.98 27.91 -21.79
C LEU D 186 41.75 26.86 -21.00
N PRO D 187 41.30 25.59 -21.09
CA PRO D 187 42.04 24.54 -20.41
C PRO D 187 43.26 24.16 -21.22
N LEU D 188 44.43 24.12 -20.58
CA LEU D 188 45.66 23.77 -21.26
C LEU D 188 45.85 22.25 -21.20
N LEU D 189 45.11 21.54 -22.04
CA LEU D 189 45.16 20.08 -22.09
C LEU D 189 46.54 19.56 -22.53
N SER D 190 47.29 20.40 -23.24
CA SER D 190 48.63 20.03 -23.72
C SER D 190 49.62 19.87 -22.57
N GLN D 191 49.29 20.41 -21.40
CA GLN D 191 50.18 20.34 -20.25
C GLN D 191 49.84 19.22 -19.26
N VAL D 192 48.76 18.47 -19.50
CA VAL D 192 48.39 17.39 -18.61
C VAL D 192 49.48 16.33 -18.70
N GLU D 193 50.28 16.23 -17.64
CA GLU D 193 51.39 15.30 -17.60
C GLU D 193 50.93 13.84 -17.75
N GLY D 194 51.71 13.05 -18.47
CA GLY D 194 51.42 11.63 -18.68
C GLY D 194 50.17 11.26 -19.47
N VAL D 195 49.78 12.10 -20.42
CA VAL D 195 48.60 11.83 -21.23
C VAL D 195 48.68 12.57 -22.56
N GLU D 196 48.18 11.94 -23.61
CA GLU D 196 48.18 12.53 -24.94
C GLU D 196 46.74 12.48 -25.44
N PHE D 197 46.23 13.61 -25.93
CA PHE D 197 44.86 13.66 -26.43
C PHE D 197 44.87 13.79 -27.94
N SER D 198 43.78 13.38 -28.58
CA SER D 198 43.65 13.48 -30.03
C SER D 198 42.89 14.77 -30.35
N ASP D 199 42.88 15.16 -31.61
CA ASP D 199 42.18 16.37 -32.03
C ASP D 199 40.73 16.34 -31.58
N GLU D 200 40.09 15.19 -31.76
N GLU D 200 40.08 15.19 -31.78
CA GLU D 200 38.70 14.99 -31.38
CA GLU D 200 38.70 15.02 -31.39
C GLU D 200 38.51 15.20 -29.88
C GLU D 200 38.50 15.19 -29.89
N GLU D 201 39.41 14.63 -29.10
CA GLU D 201 39.34 14.73 -27.63
C GLU D 201 39.61 16.16 -27.16
N ILE D 202 40.58 16.83 -27.77
CA ILE D 202 40.91 18.20 -27.43
C ILE D 202 39.68 19.08 -27.63
N ALA D 203 39.02 18.90 -28.76
CA ALA D 203 37.83 19.67 -29.10
C ALA D 203 36.64 19.33 -28.19
N ALA D 204 36.44 18.05 -27.87
CA ALA D 204 35.32 17.61 -27.02
C ALA D 204 35.47 18.10 -25.58
N LEU D 205 36.65 17.94 -25.00
CA LEU D 205 36.91 18.40 -23.62
C LEU D 205 36.79 19.91 -23.49
N THR D 206 37.49 20.64 -24.36
CA THR D 206 37.46 22.09 -24.30
C THR D 206 36.02 22.61 -24.35
N LYS D 207 35.23 22.04 -25.25
CA LYS D 207 33.83 22.42 -25.40
C LYS D 207 33.01 22.12 -24.14
N ARG D 208 33.23 20.96 -23.54
CA ARG D 208 32.48 20.58 -22.35
C ARG D 208 32.86 21.44 -21.16
N ILE D 209 34.16 21.71 -21.01
CA ILE D 209 34.66 22.54 -19.92
C ILE D 209 34.08 23.94 -20.04
N GLN D 210 34.01 24.46 -21.25
CA GLN D 210 33.46 25.79 -21.49
C GLN D 210 31.93 25.87 -21.31
N ASN D 211 31.24 24.74 -21.48
CA ASN D 211 29.78 24.69 -21.38
C ASN D 211 29.25 23.86 -20.20
N ALA D 212 30.13 23.50 -19.28
CA ALA D 212 29.76 22.68 -18.13
C ALA D 212 28.61 23.26 -17.31
N GLY D 213 28.64 24.58 -17.08
CA GLY D 213 27.61 25.25 -16.31
C GLY D 213 26.21 25.04 -16.85
N THR D 214 26.08 25.03 -18.18
CA THR D 214 24.79 24.84 -18.83
C THR D 214 24.31 23.41 -18.65
N GLU D 215 25.26 22.50 -18.53
CA GLU D 215 24.97 21.09 -18.32
C GLU D 215 24.18 20.89 -17.03
N VAL D 216 24.58 21.59 -15.98
CA VAL D 216 23.89 21.48 -14.68
C VAL D 216 22.51 22.14 -14.74
N VAL D 217 22.43 23.28 -15.42
CA VAL D 217 21.18 24.02 -15.56
C VAL D 217 20.08 23.19 -16.20
N GLU D 218 20.38 22.53 -17.31
N GLU D 218 20.37 22.53 -17.32
CA GLU D 218 19.42 21.70 -18.02
CA GLU D 218 19.36 21.70 -17.99
C GLU D 218 19.03 20.48 -17.20
C GLU D 218 19.01 20.48 -17.15
N ALA D 219 19.99 19.93 -16.47
CA ALA D 219 19.77 18.75 -15.62
C ALA D 219 18.82 19.09 -14.46
N LYS D 220 18.79 20.36 -14.04
CA LYS D 220 17.89 20.80 -12.98
C LYS D 220 16.55 21.25 -13.56
N ALA D 221 16.28 20.87 -14.82
CA ALA D 221 15.05 21.23 -15.51
C ALA D 221 14.89 22.74 -15.53
N GLY D 222 16.02 23.44 -15.66
CA GLY D 222 16.05 24.90 -15.69
C GLY D 222 15.80 25.51 -14.32
N GLY D 223 15.56 24.68 -13.31
CA GLY D 223 15.28 25.16 -11.96
C GLY D 223 16.47 25.30 -11.04
N GLY D 224 17.64 25.69 -11.57
CA GLY D 224 18.83 25.88 -10.74
C GLY D 224 20.15 25.89 -11.50
N SER D 225 21.25 26.06 -10.78
CA SER D 225 22.59 26.08 -11.35
C SER D 225 23.60 25.38 -10.42
N ALA D 226 24.87 25.41 -10.79
CA ALA D 226 25.92 24.77 -10.00
C ALA D 226 26.11 25.51 -8.68
N THR D 227 25.74 24.86 -7.58
CA THR D 227 25.91 25.48 -6.28
C THR D 227 26.86 24.70 -5.39
N LEU D 228 26.69 23.39 -5.36
CA LEU D 228 27.51 22.53 -4.52
C LEU D 228 28.96 22.45 -5.02
N SER D 229 29.13 22.22 -6.32
CA SER D 229 30.47 22.15 -6.88
C SER D 229 31.15 23.52 -6.83
N GLY D 231 30.70 25.63 -4.43
CA GLY D 231 31.10 25.73 -3.03
C GLY D 231 32.41 24.99 -2.80
N GLN D 232 32.50 23.80 -3.39
CA GLN D 232 33.70 22.96 -3.31
C GLN D 232 34.88 23.75 -3.87
N ALA D 233 34.67 24.34 -5.05
CA ALA D 233 35.71 25.12 -5.73
C ALA D 233 36.14 26.34 -4.90
N ALA D 234 35.18 27.08 -4.37
CA ALA D 234 35.50 28.25 -3.56
C ALA D 234 36.23 27.86 -2.26
N CYS D 235 35.87 26.71 -1.70
CA CYS D 235 36.53 26.24 -0.49
C CYS D 235 37.99 25.94 -0.77
N ARG D 236 38.25 25.22 -1.87
CA ARG D 236 39.61 24.91 -2.26
C ARG D 236 40.46 26.18 -2.45
N PHE D 237 39.87 27.20 -3.07
CA PHE D 237 40.61 28.45 -3.27
C PHE D 237 40.78 29.23 -1.96
N GLY D 238 39.77 29.19 -1.10
CA GLY D 238 39.84 29.87 0.20
C GLY D 238 40.92 29.25 1.06
N LEU D 239 40.95 27.92 1.11
CA LEU D 239 41.97 27.20 1.87
C LEU D 239 43.37 27.52 1.34
N ALA D 240 43.49 27.67 0.02
CA ALA D 240 44.78 28.00 -0.60
C ALA D 240 45.29 29.35 -0.10
N LEU D 241 44.40 30.33 -0.06
CA LEU D 241 44.75 31.66 0.43
C LEU D 241 45.16 31.64 1.91
N VAL D 242 44.39 30.90 2.72
CA VAL D 242 44.70 30.82 4.15
C VAL D 242 46.06 30.15 4.39
N LYS D 243 46.35 29.09 3.66
N LYS D 243 46.34 29.11 3.62
CA LYS D 243 47.63 28.40 3.81
CA LYS D 243 47.59 28.37 3.74
C LYS D 243 48.80 29.31 3.40
C LYS D 243 48.78 29.27 3.37
N ALA D 244 48.59 30.11 2.36
CA ALA D 244 49.62 31.03 1.90
C ALA D 244 49.82 32.14 2.93
N LEU D 245 48.71 32.66 3.48
CA LEU D 245 48.80 33.70 4.49
C LEU D 245 49.49 33.21 5.76
N GLN D 246 49.38 31.91 6.05
CA GLN D 246 49.99 31.32 7.26
C GLN D 246 51.46 30.90 7.08
N GLY D 247 52.04 31.22 5.92
CA GLY D 247 53.46 30.93 5.67
C GLY D 247 53.81 29.79 4.73
N GLU D 248 52.81 29.16 4.12
CA GLU D 248 53.09 28.03 3.21
C GLU D 248 52.86 28.36 1.74
N GLU D 249 53.94 28.31 0.97
CA GLU D 249 53.89 28.57 -0.46
C GLU D 249 52.86 27.68 -1.14
N VAL D 250 52.01 28.29 -1.97
CA VAL D 250 50.97 27.59 -2.68
C VAL D 250 50.85 28.15 -4.09
N ILE D 251 50.71 27.27 -5.07
CA ILE D 251 50.53 27.66 -6.46
C ILE D 251 49.09 27.39 -6.82
N GLU D 252 48.38 28.41 -7.31
CA GLU D 252 46.98 28.25 -7.65
C GLU D 252 46.62 29.08 -8.90
N TYR D 253 45.56 28.67 -9.61
CA TYR D 253 45.09 29.38 -10.79
C TYR D 253 43.95 30.34 -10.39
N ALA D 254 44.12 31.61 -10.77
CA ALA D 254 43.12 32.63 -10.45
C ALA D 254 43.15 33.80 -11.43
N TYR D 255 42.02 34.47 -11.52
CA TYR D 255 41.84 35.62 -12.38
C TYR D 255 42.39 36.82 -11.63
N VAL D 256 43.54 37.33 -12.07
CA VAL D 256 44.19 38.43 -11.38
C VAL D 256 44.71 39.51 -12.33
N GLU D 257 45.01 40.67 -11.75
CA GLU D 257 45.57 41.76 -12.54
C GLU D 257 47.05 41.45 -12.62
N GLY D 258 47.45 40.86 -13.74
CA GLY D 258 48.83 40.47 -13.97
C GLY D 258 49.62 41.49 -14.77
N ASN D 259 50.51 41.01 -15.62
CA ASN D 259 51.36 41.89 -16.43
C ASN D 259 50.63 42.47 -17.63
N GLY D 260 49.43 41.96 -17.88
CA GLY D 260 48.58 42.46 -18.97
C GLY D 260 49.06 42.27 -20.39
N GLU D 261 49.66 41.12 -20.68
CA GLU D 261 50.13 40.85 -22.04
C GLU D 261 48.92 40.62 -22.94
N HIS D 262 47.88 39.99 -22.39
CA HIS D 262 46.68 39.69 -23.16
C HIS D 262 45.48 40.54 -22.73
N ALA D 263 45.33 40.74 -21.43
CA ALA D 263 44.25 41.54 -20.87
C ALA D 263 44.65 42.04 -19.50
N SER D 264 44.08 43.16 -19.06
CA SER D 264 44.42 43.72 -17.74
C SER D 264 44.22 42.65 -16.67
N PHE D 265 43.12 41.90 -16.75
CA PHE D 265 42.86 40.79 -15.84
C PHE D 265 42.93 39.50 -16.67
N PHE D 266 43.58 38.47 -16.12
CA PHE D 266 43.75 37.22 -16.87
C PHE D 266 44.07 36.08 -15.89
N ALA D 267 43.37 34.96 -16.03
CA ALA D 267 43.60 33.81 -15.15
C ALA D 267 44.85 33.06 -15.58
N GLN D 268 45.76 32.83 -14.63
CA GLN D 268 46.99 32.11 -14.91
C GLN D 268 47.54 31.61 -13.58
N PRO D 269 48.64 30.83 -13.59
CA PRO D 269 49.15 30.36 -12.32
C PRO D 269 49.77 31.47 -11.50
N VAL D 270 49.49 31.50 -10.21
CA VAL D 270 50.05 32.50 -9.32
C VAL D 270 50.62 31.80 -8.10
N LYS D 271 51.71 32.36 -7.60
CA LYS D 271 52.35 31.83 -6.41
C LYS D 271 51.78 32.68 -5.29
N LEU D 272 51.06 32.05 -4.37
CA LEU D 272 50.46 32.77 -3.25
C LEU D 272 51.44 32.82 -2.06
N GLY D 273 51.44 33.94 -1.36
CA GLY D 273 52.33 34.14 -0.22
C GLY D 273 51.66 34.79 0.97
N LYS D 274 52.47 35.32 1.88
CA LYS D 274 51.95 35.97 3.08
C LYS D 274 51.23 37.28 2.80
N GLU D 275 51.49 37.88 1.64
CA GLU D 275 50.86 39.15 1.27
C GLU D 275 50.03 39.03 -0.01
N GLY D 276 49.44 37.85 -0.22
CA GLY D 276 48.64 37.58 -1.41
C GLY D 276 49.51 37.03 -2.52
N VAL D 277 49.32 37.52 -3.73
CA VAL D 277 50.11 37.07 -4.87
C VAL D 277 51.59 37.33 -4.60
N GLU D 278 52.38 36.27 -4.53
CA GLU D 278 53.81 36.40 -4.31
C GLU D 278 54.46 36.66 -5.67
N GLU D 279 54.01 35.95 -6.69
CA GLU D 279 54.53 36.11 -8.05
C GLU D 279 53.53 35.60 -9.07
N ILE D 280 53.43 36.30 -10.21
CA ILE D 280 52.53 35.88 -11.28
C ILE D 280 53.42 35.00 -12.16
N LEU D 281 53.11 33.72 -12.26
CA LEU D 281 53.91 32.80 -13.05
C LEU D 281 53.47 32.69 -14.51
N PRO D 282 54.43 32.55 -15.44
CA PRO D 282 54.08 32.39 -16.86
C PRO D 282 53.32 31.07 -17.00
N TYR D 283 52.37 31.00 -17.92
CA TYR D 283 51.57 29.78 -18.10
C TYR D 283 52.22 28.65 -18.91
N GLY D 284 53.49 28.81 -19.26
CA GLY D 284 54.22 27.79 -20.02
C GLY D 284 53.97 27.83 -21.51
N GLU D 285 54.31 26.73 -22.18
CA GLU D 285 54.14 26.63 -23.63
C GLU D 285 52.71 26.20 -24.01
N LEU D 286 52.21 26.74 -25.11
CA LEU D 286 50.86 26.43 -25.59
C LEU D 286 50.90 25.71 -26.94
N SER D 287 49.90 24.88 -27.19
CA SER D 287 49.81 24.17 -28.46
C SER D 287 49.19 25.11 -29.49
N ASP D 288 49.22 24.72 -30.75
CA ASP D 288 48.64 25.56 -31.80
C ASP D 288 47.15 25.78 -31.55
N PHE D 289 46.45 24.72 -31.16
CA PHE D 289 45.02 24.82 -30.88
C PHE D 289 44.75 25.80 -29.75
N GLU D 290 45.62 25.78 -28.74
CA GLU D 290 45.49 26.67 -27.58
C GLU D 290 45.85 28.11 -27.94
N LYS D 291 46.86 28.30 -28.78
CA LYS D 291 47.27 29.64 -29.20
C LYS D 291 46.12 30.32 -29.96
N ALA D 292 45.52 29.59 -30.90
CA ALA D 292 44.39 30.12 -31.67
C ALA D 292 43.21 30.40 -30.75
N ALA D 293 42.93 29.51 -29.81
CA ALA D 293 41.83 29.67 -28.86
C ALA D 293 42.05 30.91 -28.00
N LEU D 294 43.29 31.13 -27.59
CA LEU D 294 43.65 32.30 -26.78
C LEU D 294 43.42 33.58 -27.60
N ASP D 295 43.97 33.63 -28.81
CA ASP D 295 43.82 34.82 -29.66
C ASP D 295 42.37 35.10 -30.05
N GLY D 296 41.61 34.06 -30.37
CA GLY D 296 40.21 34.21 -30.79
C GLY D 296 39.25 34.60 -29.68
N LEU D 298 40.40 36.72 -26.88
CA LEU D 298 40.79 37.99 -26.25
C LEU D 298 39.84 39.17 -26.44
N GLU D 299 39.15 39.27 -27.58
CA GLU D 299 38.25 40.39 -27.79
C GLU D 299 37.09 40.31 -26.81
N THR D 300 36.58 39.10 -26.58
CA THR D 300 35.47 38.90 -25.65
C THR D 300 35.90 39.20 -24.22
N LEU D 301 37.06 38.69 -23.81
CA LEU D 301 37.55 38.92 -22.45
C LEU D 301 37.78 40.40 -22.22
N ASN D 302 38.48 41.04 -23.14
CA ASN D 302 38.74 42.48 -23.01
C ASN D 302 37.44 43.29 -22.94
N SER D 303 36.41 42.85 -23.66
CA SER D 303 35.12 43.54 -23.63
C SER D 303 34.46 43.40 -22.25
N ASP D 304 34.44 42.18 -21.71
CA ASP D 304 33.88 41.93 -20.40
C ASP D 304 34.53 42.79 -19.32
N ILE D 305 35.84 43.00 -19.45
CA ILE D 305 36.58 43.82 -18.50
C ILE D 305 36.21 45.30 -18.62
N GLN D 306 36.14 45.79 -19.85
CA GLN D 306 35.81 47.18 -20.09
C GLN D 306 34.43 47.49 -19.50
N ILE D 307 33.51 46.54 -19.62
CA ILE D 307 32.15 46.68 -19.10
C ILE D 307 32.21 46.95 -17.59
N GLY D 308 33.11 46.29 -16.90
CA GLY D 308 33.26 46.48 -15.47
C GLY D 308 33.86 47.83 -15.15
N VAL D 309 34.95 48.15 -15.84
CA VAL D 309 35.63 49.44 -15.66
C VAL D 309 34.64 50.59 -15.90
N ASP D 310 33.88 50.50 -16.98
CA ASP D 310 32.90 51.53 -17.34
C ASP D 310 31.74 51.66 -16.36
N PHE D 311 31.40 50.56 -15.70
CA PHE D 311 30.30 50.57 -14.74
C PHE D 311 30.61 51.41 -13.50
N VAL D 312 31.88 51.43 -13.11
CA VAL D 312 32.32 52.20 -11.95
C VAL D 312 32.67 53.63 -12.35
#